data_6TL6
#
_entry.id   6TL6
#
_cell.length_a   152.902
_cell.length_b   152.902
_cell.length_c   171.584
_cell.angle_alpha   90.00
_cell.angle_beta   90.00
_cell.angle_gamma   120.00
#
_symmetry.space_group_name_H-M   'H 3'
#
loop_
_entity.id
_entity.type
_entity.pdbx_description
1 polymer 'Carbonic anhydrase 9'
2 non-polymer 'ZINC ION'
3 non-polymer naphthalene-2-sulfonamide
4 non-polymer GLYCEROL
5 water water
#
_entity_poly.entity_id   1
_entity_poly.type   'polypeptide(L)'
_entity_poly.pdbx_seq_one_letter_code
;GPDQSHWRYGGDPPWPRVSPACAGRFQSPVDIRPQLAAFSPALRPLELLGFQLPPLPELRLRNNGHSVQLTLPPGLEMAL
GPGREYRALQLHLHWGAAGRPGSEHTVEGHRFPAEIHVVHLSTAFARVDEALGRPGGLAVLAAFLEEGPEENSAYEQLLS
RLEEIAEEGSETQVPGLDISALLPSDFSRYFQYEGSLTTPPCAQGVIWTVFQQTVMLSAKQLHTLSDTLWGPGDSRLQLN
FRATQPLNGRVIEASFP
;
_entity_poly.pdbx_strand_id   A,B,C,D
#
# COMPACT_ATOMS: atom_id res chain seq x y z
N TRP A 7 33.39 -11.43 -6.82
CA TRP A 7 33.11 -12.90 -6.59
C TRP A 7 33.83 -13.72 -7.67
N ARG A 8 34.24 -14.94 -7.30
CA ARG A 8 34.90 -15.96 -8.17
C ARG A 8 34.23 -17.30 -7.85
N TYR A 9 34.48 -18.38 -8.61
CA TYR A 9 34.07 -19.77 -8.24
C TYR A 9 35.19 -20.42 -7.41
N GLY A 10 34.81 -21.28 -6.44
CA GLY A 10 35.71 -21.90 -5.45
C GLY A 10 36.83 -20.98 -4.96
N GLY A 11 36.60 -19.66 -4.93
CA GLY A 11 37.56 -18.64 -4.46
C GLY A 11 37.05 -17.97 -3.20
N ASP A 12 37.30 -16.66 -3.06
CA ASP A 12 36.68 -15.79 -2.02
C ASP A 12 36.48 -14.39 -2.62
N PRO A 13 35.47 -13.67 -2.12
CA PRO A 13 34.80 -13.89 -0.82
C PRO A 13 33.80 -15.05 -0.79
N PRO A 14 33.00 -15.22 0.57
CA PRO A 14 31.74 -15.89 0.91
C PRO A 14 30.65 -15.16 0.12
N TRP A 15 29.85 -15.91 -0.63
CA TRP A 15 28.90 -15.24 -1.56
C TRP A 15 27.90 -14.35 -0.81
N PRO A 16 27.34 -14.76 0.36
CA PRO A 16 26.55 -13.86 1.22
C PRO A 16 27.20 -12.51 1.61
N ARG A 17 28.54 -12.40 1.58
CA ARG A 17 29.28 -11.13 1.87
C ARG A 17 29.22 -10.21 0.64
N VAL A 18 29.27 -10.77 -0.58
CA VAL A 18 29.11 -10.01 -1.87
C VAL A 18 27.64 -9.62 -2.06
N SER A 19 26.73 -10.57 -1.77
CA SER A 19 25.26 -10.53 -2.01
C SER A 19 24.55 -11.32 -0.91
N PRO A 20 24.04 -10.65 0.15
CA PRO A 20 23.21 -11.32 1.16
C PRO A 20 22.01 -12.09 0.59
N ALA A 21 21.54 -11.70 -0.60
CA ALA A 21 20.50 -12.42 -1.36
C ALA A 21 20.93 -13.89 -1.55
N CYS A 22 22.24 -14.17 -1.67
CA CYS A 22 22.75 -15.56 -1.88
C CYS A 22 22.46 -16.45 -0.67
N ALA A 23 22.01 -15.89 0.47
CA ALA A 23 21.62 -16.68 1.65
C ALA A 23 20.11 -16.70 1.78
N GLY A 24 19.37 -16.37 0.72
CA GLY A 24 17.90 -16.58 0.68
C GLY A 24 17.54 -18.04 0.93
N ARG A 25 16.27 -18.29 1.26
CA ARG A 25 15.72 -19.65 1.54
C ARG A 25 15.43 -20.45 0.25
N PHE A 26 15.42 -19.84 -0.92
CA PHE A 26 14.86 -20.49 -2.14
C PHE A 26 15.85 -20.32 -3.28
N GLN A 27 17.03 -20.91 -3.11
CA GLN A 27 18.17 -20.71 -4.02
C GLN A 27 18.25 -21.90 -4.99
N SER A 28 19.05 -21.70 -6.02
CA SER A 28 19.38 -22.66 -7.10
C SER A 28 20.90 -22.72 -7.18
N PRO A 29 21.49 -23.84 -7.65
CA PRO A 29 20.73 -24.97 -8.18
C PRO A 29 20.34 -25.92 -7.05
N VAL A 30 19.59 -26.98 -7.38
CA VAL A 30 19.07 -27.96 -6.40
C VAL A 30 19.36 -29.38 -6.91
N ASP A 31 19.28 -30.34 -5.98
CA ASP A 31 19.39 -31.79 -6.28
C ASP A 31 17.98 -32.28 -6.59
N ILE A 32 17.78 -32.76 -7.81
CA ILE A 32 16.47 -33.32 -8.25
C ILE A 32 16.45 -34.79 -7.86
N ARG A 33 15.44 -35.18 -7.08
CA ARG A 33 15.16 -36.59 -6.69
C ARG A 33 13.82 -36.97 -7.33
N PRO A 34 13.86 -37.61 -8.51
CA PRO A 34 12.65 -37.83 -9.32
C PRO A 34 11.49 -38.52 -8.61
N GLN A 35 11.78 -39.41 -7.65
CA GLN A 35 10.75 -40.22 -6.94
C GLN A 35 10.03 -39.37 -5.89
N LEU A 36 10.61 -38.23 -5.51
CA LEU A 36 9.99 -37.20 -4.64
C LEU A 36 9.42 -36.02 -5.46
N ALA A 37 9.70 -35.95 -6.75
CA ALA A 37 9.09 -34.95 -7.65
C ALA A 37 7.58 -35.21 -7.66
N ALA A 38 6.75 -34.17 -7.72
CA ALA A 38 5.29 -34.26 -7.85
C ALA A 38 4.89 -34.21 -9.33
N PHE A 39 4.26 -35.26 -9.82
CA PHE A 39 3.66 -35.29 -11.18
C PHE A 39 2.52 -34.29 -11.18
N SER A 40 2.58 -33.23 -12.01
CA SER A 40 1.41 -32.38 -12.28
C SER A 40 1.08 -32.38 -13.75
N PRO A 41 -0.08 -33.01 -14.07
CA PRO A 41 -0.61 -33.04 -15.43
C PRO A 41 -0.86 -31.67 -16.07
N ALA A 42 -0.97 -30.59 -15.29
CA ALA A 42 -1.21 -29.23 -15.83
C ALA A 42 0.01 -28.76 -16.63
N LEU A 43 1.19 -29.30 -16.36
CA LEU A 43 2.44 -28.88 -17.02
C LEU A 43 2.42 -29.31 -18.49
N ARG A 44 2.33 -28.35 -19.40
CA ARG A 44 2.14 -28.55 -20.87
C ARG A 44 3.50 -28.66 -21.54
N PRO A 45 3.55 -29.12 -22.81
CA PRO A 45 4.80 -29.08 -23.57
C PRO A 45 5.28 -27.64 -23.75
N LEU A 46 6.59 -27.41 -23.55
CA LEU A 46 7.22 -26.09 -23.75
C LEU A 46 6.96 -25.66 -25.19
N GLU A 47 6.69 -24.38 -25.46
CA GLU A 47 6.59 -23.86 -26.84
C GLU A 47 7.75 -22.86 -27.03
N LEU A 48 8.58 -23.08 -28.04
CA LEU A 48 9.73 -22.22 -28.45
C LEU A 48 9.59 -21.83 -29.92
N LEU A 49 9.21 -20.60 -30.23
CA LEU A 49 9.11 -20.07 -31.62
C LEU A 49 10.19 -19.03 -31.85
N GLY A 50 10.67 -18.96 -33.09
CA GLY A 50 11.66 -17.96 -33.54
C GLY A 50 13.08 -18.38 -33.24
N PHE A 51 13.33 -19.60 -32.75
CA PHE A 51 14.66 -20.03 -32.27
C PHE A 51 15.55 -20.42 -33.46
N GLN A 52 15.01 -20.60 -34.66
CA GLN A 52 15.78 -21.07 -35.84
C GLN A 52 16.39 -19.84 -36.51
N LEU A 53 17.51 -19.32 -36.02
CA LEU A 53 18.05 -18.02 -36.51
C LEU A 53 18.72 -18.20 -37.88
N PRO A 54 18.64 -17.21 -38.80
CA PRO A 54 19.41 -17.23 -40.03
C PRO A 54 20.87 -16.90 -39.75
N PRO A 55 21.76 -17.06 -40.73
CA PRO A 55 23.18 -16.79 -40.53
C PRO A 55 23.49 -15.32 -40.19
N LEU A 56 22.65 -14.37 -40.63
CA LEU A 56 22.80 -12.91 -40.38
C LEU A 56 21.50 -12.34 -39.82
N PRO A 57 21.55 -11.43 -38.82
CA PRO A 57 22.81 -10.90 -38.29
C PRO A 57 23.59 -11.88 -37.40
N GLU A 58 24.85 -11.56 -37.14
CA GLU A 58 25.76 -12.36 -36.29
C GLU A 58 25.39 -12.10 -34.83
N LEU A 59 25.81 -13.01 -33.96
CA LEU A 59 25.54 -12.93 -32.49
C LEU A 59 26.87 -12.74 -31.74
N ARG A 60 26.82 -11.97 -30.65
CA ARG A 60 27.94 -11.73 -29.71
C ARG A 60 28.17 -12.97 -28.87
N LEU A 61 29.37 -13.54 -28.92
CA LEU A 61 29.79 -14.61 -27.99
C LEU A 61 30.99 -14.08 -27.20
N ARG A 62 30.92 -14.21 -25.87
CA ARG A 62 31.72 -13.39 -24.94
C ARG A 62 32.26 -14.32 -23.86
N ASN A 63 33.56 -14.25 -23.58
CA ASN A 63 34.12 -14.79 -22.32
C ASN A 63 33.97 -13.72 -21.25
N ASN A 64 33.16 -13.97 -20.21
CA ASN A 64 32.86 -12.94 -19.17
C ASN A 64 33.60 -13.32 -17.87
N GLY A 65 34.52 -14.27 -17.95
CA GLY A 65 35.31 -14.71 -16.79
C GLY A 65 34.59 -15.72 -15.92
N HIS A 66 33.25 -15.81 -16.03
CA HIS A 66 32.37 -16.73 -15.24
C HIS A 66 31.77 -17.82 -16.16
N SER A 67 31.55 -17.52 -17.43
CA SER A 67 31.02 -18.48 -18.44
C SER A 67 31.37 -17.98 -19.83
N VAL A 68 30.99 -18.74 -20.87
CA VAL A 68 30.85 -18.21 -22.26
C VAL A 68 29.37 -17.88 -22.47
N GLN A 69 29.08 -16.70 -23.00
CA GLN A 69 27.70 -16.18 -23.08
C GLN A 69 27.41 -15.75 -24.51
N LEU A 70 26.32 -16.28 -25.06
CA LEU A 70 25.81 -15.94 -26.40
C LEU A 70 24.62 -15.00 -26.20
N THR A 71 24.71 -13.79 -26.72
CA THR A 71 23.60 -12.81 -26.69
C THR A 71 22.59 -13.21 -27.77
N LEU A 72 21.30 -13.27 -27.41
CA LEU A 72 20.24 -13.67 -28.37
C LEU A 72 19.52 -12.42 -28.86
N PRO A 73 19.13 -12.40 -30.14
CA PRO A 73 18.39 -11.26 -30.69
C PRO A 73 16.92 -11.26 -30.26
N PRO A 74 16.18 -10.24 -30.64
CA PRO A 74 14.75 -10.27 -30.31
C PRO A 74 14.00 -11.30 -31.15
N GLY A 75 12.83 -11.76 -30.69
CA GLY A 75 12.01 -12.68 -31.51
C GLY A 75 11.98 -14.13 -31.08
N LEU A 76 12.76 -14.51 -30.07
CA LEU A 76 12.74 -15.89 -29.55
C LEU A 76 11.66 -15.93 -28.46
N GLU A 77 10.46 -16.43 -28.78
CA GLU A 77 9.32 -16.45 -27.85
C GLU A 77 9.20 -17.85 -27.24
N MET A 78 8.95 -17.89 -25.94
CA MET A 78 8.83 -19.15 -25.17
C MET A 78 7.58 -19.08 -24.27
N ALA A 79 6.81 -20.16 -24.17
CA ALA A 79 5.66 -20.20 -23.24
C ALA A 79 5.86 -21.38 -22.30
N LEU A 80 5.67 -21.17 -20.98
CA LEU A 80 5.65 -22.23 -19.94
C LEU A 80 4.23 -22.79 -19.77
N GLY A 81 3.25 -22.05 -20.28
CA GLY A 81 1.83 -22.35 -20.18
C GLY A 81 1.05 -21.41 -21.07
N PRO A 82 -0.46 -21.43 -20.81
CA PRO A 82 -1.19 -20.54 -21.71
C PRO A 82 -1.10 -19.09 -21.18
N GLY A 83 -0.68 -18.14 -22.01
CA GLY A 83 -0.49 -16.72 -21.63
C GLY A 83 0.70 -16.46 -20.73
N ARG A 84 1.54 -17.46 -20.46
CA ARG A 84 2.74 -17.34 -19.62
C ARG A 84 3.95 -17.34 -20.54
N GLU A 85 4.23 -16.19 -21.12
CA GLU A 85 5.17 -16.00 -22.23
C GLU A 85 6.39 -15.21 -21.76
N TYR A 86 7.45 -15.39 -22.56
CA TYR A 86 8.88 -15.13 -22.28
C TYR A 86 9.59 -14.85 -23.60
N ARG A 87 10.62 -14.04 -23.55
CA ARG A 87 11.56 -13.80 -24.67
C ARG A 87 12.95 -14.20 -24.19
N ALA A 88 13.69 -14.96 -25.00
CA ALA A 88 15.03 -15.44 -24.67
C ALA A 88 16.00 -14.26 -24.76
N LEU A 89 16.92 -14.11 -23.80
CA LEU A 89 17.88 -12.99 -23.78
C LEU A 89 19.27 -13.49 -24.15
N GLN A 90 19.67 -14.65 -23.62
CA GLN A 90 21.06 -15.14 -23.73
C GLN A 90 21.11 -16.60 -23.31
N LEU A 91 22.19 -17.27 -23.66
CA LEU A 91 22.46 -18.59 -23.07
C LEU A 91 23.93 -18.66 -22.69
N HIS A 92 24.25 -19.53 -21.76
CA HIS A 92 25.63 -19.70 -21.27
C HIS A 92 25.74 -21.14 -20.77
N LEU A 93 26.96 -21.55 -20.45
CA LEU A 93 27.23 -22.95 -20.01
C LEU A 93 27.90 -22.96 -18.62
N HIS A 94 27.78 -24.12 -17.98
CA HIS A 94 28.49 -24.51 -16.74
C HIS A 94 29.18 -25.84 -17.04
N TRP A 95 30.41 -26.00 -16.55
CA TRP A 95 31.25 -27.16 -16.86
C TRP A 95 32.36 -27.38 -15.83
N GLY A 96 32.94 -28.58 -15.82
CA GLY A 96 33.93 -29.00 -14.82
C GLY A 96 35.35 -28.85 -15.33
N ALA A 97 36.16 -29.92 -15.22
CA ALA A 97 37.57 -29.97 -15.64
C ALA A 97 37.96 -31.41 -15.91
N ALA A 98 39.15 -31.61 -16.46
CA ALA A 98 39.73 -32.93 -16.82
C ALA A 98 39.12 -34.00 -15.90
N GLY A 99 38.30 -34.89 -16.46
CA GLY A 99 37.65 -36.00 -15.74
C GLY A 99 36.93 -35.56 -14.48
N ARG A 100 36.33 -34.36 -14.46
CA ARG A 100 35.47 -33.96 -13.32
C ARG A 100 34.24 -33.19 -13.83
N PRO A 101 33.01 -33.68 -13.52
CA PRO A 101 31.77 -33.08 -14.03
C PRO A 101 31.43 -31.71 -13.37
N GLY A 102 30.68 -30.87 -14.07
CA GLY A 102 30.47 -29.45 -13.68
C GLY A 102 29.08 -28.94 -14.00
N SER A 103 28.08 -29.82 -14.11
CA SER A 103 26.66 -29.41 -14.19
C SER A 103 26.34 -28.62 -12.91
N GLU A 104 25.33 -27.76 -12.90
CA GLU A 104 24.87 -27.07 -11.65
C GLU A 104 23.83 -27.93 -10.94
N HIS A 105 22.75 -28.25 -11.62
CA HIS A 105 21.72 -29.18 -11.08
C HIS A 105 22.33 -30.59 -10.98
N THR A 106 21.80 -31.43 -10.10
CA THR A 106 22.25 -32.83 -9.97
C THR A 106 20.97 -33.66 -9.92
N VAL A 107 21.05 -34.93 -10.30
CA VAL A 107 19.93 -35.91 -10.19
C VAL A 107 20.38 -37.02 -9.24
N GLU A 108 19.59 -37.25 -8.18
CA GLU A 108 19.91 -38.17 -7.06
C GLU A 108 21.41 -38.10 -6.76
N GLY A 109 21.99 -36.90 -6.69
CA GLY A 109 23.41 -36.68 -6.34
C GLY A 109 24.37 -36.76 -7.52
N HIS A 110 23.92 -37.25 -8.68
CA HIS A 110 24.78 -37.37 -9.89
C HIS A 110 24.97 -35.97 -10.51
N ARG A 111 26.21 -35.54 -10.66
CA ARG A 111 26.58 -34.33 -11.42
C ARG A 111 26.91 -34.79 -12.83
N PHE A 112 26.46 -34.05 -13.84
CA PHE A 112 26.62 -34.33 -15.28
C PHE A 112 27.82 -33.53 -15.76
N PRO A 113 28.47 -33.92 -16.87
CA PRO A 113 29.63 -33.19 -17.36
C PRO A 113 29.45 -31.68 -17.48
N ALA A 114 28.31 -31.22 -18.00
CA ALA A 114 28.06 -29.78 -18.26
C ALA A 114 26.54 -29.51 -18.32
N GLU A 115 26.16 -28.24 -18.44
CA GLU A 115 24.75 -27.78 -18.30
C GLU A 115 24.61 -26.54 -19.16
N ILE A 116 23.52 -26.46 -19.91
CA ILE A 116 23.24 -25.23 -20.72
C ILE A 116 22.07 -24.50 -20.06
N HIS A 117 22.17 -23.17 -19.96
CA HIS A 117 21.13 -22.27 -19.40
C HIS A 117 20.72 -21.31 -20.48
N VAL A 118 19.42 -21.28 -20.79
CA VAL A 118 18.81 -20.32 -21.74
C VAL A 118 17.91 -19.45 -20.91
N VAL A 119 18.28 -18.17 -20.81
CA VAL A 119 17.70 -17.24 -19.81
C VAL A 119 16.68 -16.39 -20.53
N HIS A 120 15.44 -16.34 -20.00
CA HIS A 120 14.34 -15.58 -20.62
C HIS A 120 13.72 -14.58 -19.64
N LEU A 121 13.03 -13.59 -20.20
CA LEU A 121 12.39 -12.46 -19.52
C LEU A 121 10.89 -12.56 -19.76
N SER A 122 10.06 -12.59 -18.73
CA SER A 122 8.59 -12.48 -18.90
C SER A 122 8.23 -11.25 -19.74
N THR A 123 7.26 -11.39 -20.64
CA THR A 123 6.79 -10.35 -21.59
C THR A 123 5.94 -9.32 -20.84
N ALA A 124 5.59 -9.85 -19.34
CA ALA A 124 4.93 -8.77 -18.56
C ALA A 124 5.92 -7.70 -18.09
N PHE A 125 7.23 -7.84 -18.29
CA PHE A 125 8.25 -6.86 -17.81
C PHE A 125 9.05 -6.32 -19.00
N ALA A 126 9.28 -5.01 -19.11
CA ALA A 126 10.05 -4.41 -20.23
C ALA A 126 11.54 -4.71 -20.05
N ARG A 127 12.04 -4.82 -18.83
CA ARG A 127 13.50 -4.84 -18.56
C ARG A 127 13.80 -5.96 -17.57
N VAL A 128 14.97 -6.54 -17.67
CA VAL A 128 15.42 -7.58 -16.70
C VAL A 128 15.39 -6.99 -15.28
N ASP A 129 15.79 -5.73 -15.07
CA ASP A 129 15.99 -5.18 -13.69
C ASP A 129 14.61 -5.06 -12.98
N GLU A 130 13.51 -4.83 -13.70
CA GLU A 130 12.13 -4.92 -13.18
C GLU A 130 11.77 -6.36 -12.79
N ALA A 131 12.27 -7.37 -13.50
CA ALA A 131 11.86 -8.78 -13.28
C ALA A 131 12.65 -9.40 -12.13
N LEU A 132 13.88 -8.92 -11.87
CA LEU A 132 14.73 -9.52 -10.81
C LEU A 132 13.98 -9.52 -9.48
N GLY A 133 13.86 -10.69 -8.83
CA GLY A 133 13.18 -10.89 -7.53
C GLY A 133 11.68 -11.00 -7.65
N ARG A 134 11.12 -10.73 -8.82
CA ARG A 134 9.65 -10.85 -8.99
C ARG A 134 9.33 -12.29 -9.40
N PRO A 135 8.25 -12.89 -8.88
CA PRO A 135 7.90 -14.27 -9.20
C PRO A 135 7.57 -14.42 -10.70
N GLY A 136 8.28 -15.32 -11.36
CA GLY A 136 8.11 -15.65 -12.79
C GLY A 136 8.76 -14.60 -13.65
N GLY A 137 9.54 -13.71 -13.08
CA GLY A 137 10.03 -12.56 -13.86
C GLY A 137 11.00 -13.07 -14.90
N LEU A 138 11.86 -13.99 -14.46
CA LEU A 138 12.85 -14.71 -15.26
C LEU A 138 12.48 -16.20 -15.26
N ALA A 139 12.77 -16.87 -16.37
CA ALA A 139 12.64 -18.32 -16.58
C ALA A 139 13.90 -18.81 -17.28
N VAL A 140 14.48 -19.87 -16.73
CA VAL A 140 15.69 -20.49 -17.31
C VAL A 140 15.27 -21.88 -17.79
N LEU A 141 15.64 -22.22 -19.03
CA LEU A 141 15.60 -23.63 -19.53
C LEU A 141 16.99 -24.21 -19.32
N ALA A 142 17.06 -25.29 -18.56
CA ALA A 142 18.32 -26.00 -18.28
C ALA A 142 18.27 -27.39 -18.92
N ALA A 143 19.37 -27.79 -19.56
CA ALA A 143 19.55 -29.18 -20.04
C ALA A 143 20.96 -29.66 -19.65
N PHE A 144 21.07 -30.91 -19.26
CA PHE A 144 22.36 -31.59 -19.01
C PHE A 144 23.06 -31.94 -20.33
N LEU A 145 24.37 -31.67 -20.40
CA LEU A 145 25.25 -32.16 -21.48
C LEU A 145 26.01 -33.39 -20.95
N GLU A 146 25.86 -34.53 -21.64
CA GLU A 146 26.50 -35.84 -21.36
C GLU A 146 27.50 -36.18 -22.46
N GLU A 147 28.44 -37.09 -22.17
CA GLU A 147 29.36 -37.64 -23.20
C GLU A 147 28.59 -38.61 -24.10
N GLY A 148 28.72 -38.45 -25.41
CA GLY A 148 28.23 -39.44 -26.39
C GLY A 148 29.30 -39.79 -27.42
N PRO A 149 29.04 -40.82 -28.26
CA PRO A 149 30.00 -41.25 -29.28
C PRO A 149 30.25 -40.25 -30.42
N GLU A 150 29.31 -39.35 -30.72
CA GLU A 150 29.39 -38.51 -31.93
C GLU A 150 29.65 -37.06 -31.55
N GLU A 151 30.31 -36.34 -32.46
CA GLU A 151 30.42 -34.87 -32.50
C GLU A 151 29.00 -34.29 -32.64
N ASN A 152 28.64 -33.35 -31.76
CA ASN A 152 27.36 -32.60 -31.79
C ASN A 152 27.58 -31.40 -32.71
N SER A 153 26.84 -31.34 -33.80
CA SER A 153 27.11 -30.28 -34.80
C SER A 153 26.52 -28.94 -34.33
N ALA A 154 25.46 -28.92 -33.50
CA ALA A 154 24.92 -27.63 -33.00
C ALA A 154 25.96 -26.97 -32.06
N TYR A 155 26.48 -27.74 -31.13
CA TYR A 155 27.46 -27.29 -30.13
C TYR A 155 28.76 -26.90 -30.81
N GLU A 156 29.15 -27.64 -31.86
CA GLU A 156 30.42 -27.37 -32.57
C GLU A 156 30.42 -25.92 -33.04
N GLN A 157 29.27 -25.36 -33.42
CA GLN A 157 29.23 -23.95 -33.88
C GLN A 157 29.76 -22.97 -32.81
N LEU A 158 29.55 -23.28 -31.54
CA LEU A 158 30.01 -22.47 -30.39
C LEU A 158 31.40 -22.94 -29.97
N LEU A 159 31.60 -24.25 -29.84
CA LEU A 159 32.83 -24.82 -29.23
C LEU A 159 34.04 -24.49 -30.12
N SER A 160 33.85 -24.37 -31.42
CA SER A 160 34.91 -24.11 -32.42
C SER A 160 35.32 -22.64 -32.37
N ARG A 161 34.63 -21.81 -31.59
CA ARG A 161 34.93 -20.37 -31.54
C ARG A 161 35.53 -20.00 -30.19
N LEU A 162 35.66 -20.94 -29.25
CA LEU A 162 36.13 -20.66 -27.88
C LEU A 162 37.61 -20.24 -27.94
N GLU A 163 38.32 -20.76 -28.94
CA GLU A 163 39.76 -20.52 -29.19
C GLU A 163 40.01 -19.00 -29.12
N GLU A 164 39.27 -18.23 -29.92
CA GLU A 164 39.57 -16.80 -30.16
C GLU A 164 38.94 -15.90 -29.08
N ILE A 165 38.34 -16.47 -28.03
CA ILE A 165 37.89 -15.68 -26.85
C ILE A 165 38.45 -16.32 -25.57
N ALA A 166 39.67 -16.90 -25.61
CA ALA A 166 40.24 -17.69 -24.49
C ALA A 166 40.50 -16.80 -23.26
N GLU A 167 40.73 -15.51 -23.54
CA GLU A 167 41.14 -14.46 -22.59
C GLU A 167 39.89 -13.87 -21.92
N GLU A 168 39.90 -13.77 -20.59
CA GLU A 168 38.83 -13.10 -19.80
C GLU A 168 38.45 -11.79 -20.49
N GLY A 169 37.15 -11.57 -20.71
CA GLY A 169 36.60 -10.33 -21.29
C GLY A 169 36.74 -10.22 -22.80
N SER A 170 37.36 -11.18 -23.50
CA SER A 170 37.37 -11.14 -25.00
C SER A 170 36.00 -11.60 -25.52
N GLU A 171 35.64 -11.16 -26.72
CA GLU A 171 34.36 -11.50 -27.40
C GLU A 171 34.61 -11.66 -28.89
N THR A 172 33.76 -12.43 -29.57
CA THR A 172 33.71 -12.54 -31.05
C THR A 172 32.25 -12.52 -31.50
N GLN A 173 32.02 -12.23 -32.79
CA GLN A 173 30.72 -12.38 -33.51
C GLN A 173 30.68 -13.77 -34.15
N VAL A 174 29.56 -14.50 -34.03
CA VAL A 174 29.34 -15.84 -34.65
C VAL A 174 28.12 -15.76 -35.57
N PRO A 175 28.08 -16.55 -36.66
CA PRO A 175 26.87 -16.64 -37.48
C PRO A 175 25.65 -17.04 -36.63
N GLY A 176 24.47 -16.54 -36.98
CA GLY A 176 23.20 -17.09 -36.47
C GLY A 176 23.20 -18.61 -36.57
N LEU A 177 22.66 -19.28 -35.56
CA LEU A 177 22.48 -20.75 -35.56
C LEU A 177 21.08 -21.06 -35.02
N ASP A 178 20.69 -22.33 -35.11
CA ASP A 178 19.38 -22.79 -34.60
C ASP A 178 19.56 -23.06 -33.12
N ILE A 179 19.07 -22.18 -32.29
CA ILE A 179 19.23 -22.29 -30.82
C ILE A 179 18.44 -23.50 -30.31
N SER A 180 17.29 -23.82 -30.89
CA SER A 180 16.49 -24.99 -30.43
C SER A 180 17.27 -26.31 -30.66
N ALA A 181 18.24 -26.35 -31.57
CA ALA A 181 19.05 -27.57 -31.87
C ALA A 181 20.01 -27.87 -30.73
N LEU A 182 20.20 -26.93 -29.79
CA LEU A 182 21.08 -27.15 -28.61
C LEU A 182 20.32 -27.86 -27.50
N LEU A 183 19.02 -28.02 -27.60
CA LEU A 183 18.18 -28.54 -26.50
C LEU A 183 17.71 -29.97 -26.76
N PRO A 184 17.25 -30.70 -25.71
CA PRO A 184 16.83 -32.08 -25.85
C PRO A 184 15.64 -32.31 -26.78
N SER A 185 15.40 -33.59 -27.04
CA SER A 185 14.41 -34.09 -28.03
C SER A 185 12.99 -33.77 -27.56
N ASP A 186 12.63 -34.09 -26.34
CA ASP A 186 11.21 -34.11 -25.91
C ASP A 186 10.93 -32.88 -25.01
N PHE A 187 10.15 -31.91 -25.51
CA PHE A 187 9.77 -30.66 -24.82
C PHE A 187 8.58 -30.89 -23.87
N SER A 188 8.06 -32.10 -23.76
CA SER A 188 6.91 -32.46 -22.88
C SER A 188 7.44 -33.02 -21.55
N ARG A 189 8.75 -33.23 -21.42
CA ARG A 189 9.34 -33.98 -20.29
C ARG A 189 10.37 -33.09 -19.56
N TYR A 190 9.99 -32.60 -18.37
CA TYR A 190 10.86 -31.66 -17.62
C TYR A 190 10.48 -31.65 -16.14
N PHE A 191 11.46 -31.20 -15.35
CA PHE A 191 11.31 -30.77 -13.94
C PHE A 191 11.11 -29.25 -13.89
N GLN A 192 10.34 -28.78 -12.92
CA GLN A 192 10.09 -27.33 -12.72
C GLN A 192 10.02 -27.02 -11.22
N TYR A 193 10.64 -25.93 -10.82
CA TYR A 193 10.54 -25.36 -9.45
C TYR A 193 10.93 -23.87 -9.54
N GLU A 194 10.65 -23.13 -8.47
CA GLU A 194 10.98 -21.69 -8.35
C GLU A 194 12.23 -21.58 -7.51
N GLY A 195 13.25 -20.88 -8.00
CA GLY A 195 14.53 -20.69 -7.29
C GLY A 195 15.15 -19.34 -7.62
N SER A 196 16.45 -19.34 -7.89
CA SER A 196 17.27 -18.10 -7.91
C SER A 196 18.20 -18.10 -9.11
N LEU A 197 18.80 -16.97 -9.42
CA LEU A 197 20.10 -16.92 -10.14
C LEU A 197 21.14 -17.72 -9.33
N THR A 198 22.11 -18.32 -10.01
CA THR A 198 23.06 -19.28 -9.39
C THR A 198 24.39 -18.60 -9.20
N THR A 199 24.48 -17.31 -9.53
CA THR A 199 25.59 -16.41 -9.22
C THR A 199 24.99 -15.15 -8.60
N PRO A 200 25.80 -14.32 -7.91
CA PRO A 200 25.34 -13.01 -7.48
C PRO A 200 24.75 -12.30 -8.68
N PRO A 201 23.65 -11.53 -8.55
CA PRO A 201 23.04 -11.24 -7.23
C PRO A 201 22.09 -12.26 -6.57
N CYS A 202 21.97 -13.49 -7.09
CA CYS A 202 21.17 -14.58 -6.45
C CYS A 202 19.71 -14.17 -6.24
N ALA A 203 19.16 -13.32 -7.11
CA ALA A 203 17.72 -12.93 -7.08
C ALA A 203 16.83 -14.16 -7.15
N GLN A 204 15.78 -14.19 -6.34
CA GLN A 204 14.77 -15.26 -6.29
C GLN A 204 13.62 -14.92 -7.26
N GLY A 205 12.65 -15.83 -7.35
CA GLY A 205 11.51 -15.77 -8.31
C GLY A 205 11.83 -16.33 -9.71
N VAL A 206 13.00 -16.95 -9.92
CA VAL A 206 13.41 -17.56 -11.22
C VAL A 206 12.67 -18.91 -11.36
N ILE A 207 11.85 -19.07 -12.39
CA ILE A 207 11.25 -20.40 -12.72
C ILE A 207 12.31 -21.20 -13.49
N TRP A 208 12.72 -22.31 -12.90
CA TRP A 208 13.70 -23.26 -13.48
C TRP A 208 12.95 -24.43 -14.10
N THR A 209 13.19 -24.67 -15.39
CA THR A 209 12.68 -25.85 -16.12
C THR A 209 13.91 -26.68 -16.50
N VAL A 210 14.04 -27.87 -15.91
CA VAL A 210 15.15 -28.81 -16.23
C VAL A 210 14.60 -30.00 -17.06
N PHE A 211 15.04 -30.10 -18.30
CA PHE A 211 14.68 -31.21 -19.21
C PHE A 211 15.09 -32.53 -18.58
N GLN A 212 14.19 -33.51 -18.63
CA GLN A 212 14.50 -34.90 -18.20
C GLN A 212 15.62 -35.48 -19.08
N GLN A 213 15.51 -35.28 -20.39
CA GLN A 213 16.46 -35.83 -21.38
C GLN A 213 17.69 -34.94 -21.51
N THR A 214 18.82 -35.56 -21.76
CA THR A 214 20.13 -34.89 -21.94
C THR A 214 20.40 -34.64 -23.42
N VAL A 215 21.44 -33.88 -23.67
CA VAL A 215 22.06 -33.69 -25.01
C VAL A 215 23.46 -34.33 -24.89
N MET A 216 23.99 -34.83 -26.00
CA MET A 216 25.26 -35.58 -26.07
C MET A 216 26.30 -34.78 -26.85
N LEU A 217 27.46 -34.61 -26.23
CA LEU A 217 28.69 -34.07 -26.87
C LEU A 217 29.79 -35.15 -26.87
N SER A 218 30.71 -35.09 -27.83
CA SER A 218 31.91 -35.98 -27.87
C SER A 218 32.83 -35.62 -26.71
N ALA A 219 33.59 -36.62 -26.25
CA ALA A 219 34.69 -36.47 -25.27
C ALA A 219 35.51 -35.23 -25.66
N LYS A 220 35.88 -35.12 -26.94
CA LYS A 220 36.75 -34.03 -27.44
C LYS A 220 36.03 -32.68 -27.26
N GLN A 221 34.71 -32.64 -27.47
CA GLN A 221 33.91 -31.38 -27.40
C GLN A 221 33.86 -30.89 -25.94
N LEU A 222 33.61 -31.81 -25.04
CA LEU A 222 33.59 -31.54 -23.58
C LEU A 222 34.97 -31.06 -23.14
N HIS A 223 36.04 -31.67 -23.66
CA HIS A 223 37.43 -31.27 -23.34
C HIS A 223 37.62 -29.82 -23.82
N THR A 224 37.27 -29.52 -25.07
CA THR A 224 37.37 -28.15 -25.66
C THR A 224 36.65 -27.14 -24.74
N LEU A 225 35.50 -27.52 -24.17
CA LEU A 225 34.63 -26.62 -23.36
C LEU A 225 35.36 -26.28 -22.04
N SER A 226 35.88 -27.32 -21.38
CA SER A 226 36.51 -27.24 -20.04
C SER A 226 37.94 -26.70 -20.14
N ASP A 227 38.59 -26.75 -21.31
CA ASP A 227 40.06 -26.65 -21.40
C ASP A 227 40.50 -25.42 -22.21
N THR A 228 39.60 -24.66 -22.83
CA THR A 228 40.00 -23.60 -23.80
C THR A 228 40.01 -22.21 -23.15
N LEU A 229 39.19 -21.99 -22.11
CA LEU A 229 38.86 -20.61 -21.65
C LEU A 229 39.66 -20.26 -20.40
N TRP A 230 40.13 -19.01 -20.31
CA TRP A 230 40.83 -18.47 -19.11
C TRP A 230 39.89 -17.50 -18.37
N GLY A 231 39.87 -17.58 -17.03
CA GLY A 231 38.98 -16.84 -16.13
C GLY A 231 39.71 -15.73 -15.37
N PRO A 232 39.23 -15.40 -14.19
CA PRO A 232 39.84 -14.33 -13.39
C PRO A 232 41.29 -14.63 -13.01
N GLY A 233 42.16 -13.62 -13.10
CA GLY A 233 43.60 -13.76 -12.79
C GLY A 233 44.31 -14.60 -13.85
N ASP A 234 45.41 -15.26 -13.52
CA ASP A 234 45.95 -16.14 -14.58
C ASP A 234 45.45 -17.57 -14.30
N SER A 235 44.12 -17.77 -14.36
CA SER A 235 43.40 -19.01 -13.98
C SER A 235 42.67 -19.62 -15.19
N ARG A 236 42.42 -20.93 -15.16
CA ARG A 236 41.56 -21.61 -16.15
C ARG A 236 40.08 -21.36 -15.75
N LEU A 237 39.22 -21.02 -16.71
CA LEU A 237 37.76 -20.93 -16.43
C LEU A 237 37.20 -22.35 -16.50
N GLN A 238 37.07 -22.97 -15.33
CA GLN A 238 36.63 -24.37 -15.09
C GLN A 238 35.81 -24.44 -13.81
N LEU A 239 35.13 -25.55 -13.60
CA LEU A 239 34.35 -25.82 -12.37
C LEU A 239 33.50 -24.59 -12.03
N ASN A 240 32.87 -23.95 -13.05
CA ASN A 240 32.07 -22.71 -12.87
C ASN A 240 30.63 -23.07 -12.48
N PHE A 241 30.44 -23.88 -11.45
CA PHE A 241 29.09 -24.26 -10.92
C PHE A 241 29.00 -23.88 -9.45
N ARG A 242 27.77 -23.73 -8.95
CA ARG A 242 27.48 -23.42 -7.55
C ARG A 242 27.04 -24.71 -6.90
N ALA A 243 27.40 -24.93 -5.63
CA ALA A 243 26.92 -26.09 -4.87
C ALA A 243 25.40 -26.12 -4.93
N THR A 244 24.86 -27.33 -4.84
CA THR A 244 23.43 -27.64 -4.68
C THR A 244 22.91 -26.96 -3.40
N GLN A 245 21.66 -26.52 -3.40
CA GLN A 245 21.06 -25.66 -2.35
C GLN A 245 19.86 -26.40 -1.80
N PRO A 246 19.55 -26.25 -0.50
CA PRO A 246 18.40 -26.94 0.10
C PRO A 246 17.07 -26.42 -0.43
N LEU A 247 16.10 -27.33 -0.61
CA LEU A 247 14.76 -27.04 -1.18
C LEU A 247 13.95 -26.20 -0.19
N ASN A 248 14.15 -26.43 1.11
CA ASN A 248 13.49 -25.69 2.23
C ASN A 248 11.98 -25.73 2.03
N GLY A 249 11.44 -26.93 1.76
CA GLY A 249 9.99 -27.21 1.66
C GLY A 249 9.47 -27.11 0.22
N ARG A 250 10.23 -26.52 -0.71
CA ARG A 250 9.86 -26.51 -2.15
C ARG A 250 9.69 -27.98 -2.61
N VAL A 251 8.59 -28.29 -3.28
CA VAL A 251 8.39 -29.56 -4.04
C VAL A 251 8.71 -29.33 -5.53
N ILE A 252 9.69 -30.07 -6.07
CA ILE A 252 10.03 -30.08 -7.51
C ILE A 252 8.89 -30.77 -8.25
N GLU A 253 8.35 -30.12 -9.29
CA GLU A 253 7.24 -30.71 -10.09
C GLU A 253 7.84 -31.43 -11.29
N ALA A 254 7.18 -32.50 -11.77
CA ALA A 254 7.50 -33.27 -13.01
C ALA A 254 6.30 -33.25 -13.96
N SER A 255 6.56 -33.03 -15.25
CA SER A 255 5.55 -32.94 -16.35
C SER A 255 5.12 -34.35 -16.80
N PHE A 256 5.66 -35.40 -16.18
CA PHE A 256 5.50 -36.81 -16.61
C PHE A 256 5.44 -37.69 -15.38
N PRO A 257 4.64 -38.78 -15.42
CA PRO A 257 4.50 -39.71 -14.29
C PRO A 257 5.74 -40.60 -14.13
N TRP B 7 6.48 15.32 -17.46
CA TRP B 7 7.11 16.41 -16.63
C TRP B 7 8.60 16.12 -16.40
N ARG B 8 9.46 17.14 -16.53
CA ARG B 8 10.91 17.14 -16.15
C ARG B 8 11.25 18.48 -15.48
N TYR B 9 12.30 18.56 -14.63
CA TYR B 9 12.89 19.84 -14.14
C TYR B 9 13.56 20.54 -15.33
N GLY B 10 13.71 21.88 -15.30
CA GLY B 10 14.28 22.69 -16.38
C GLY B 10 13.21 23.45 -17.18
N GLY B 11 12.00 22.90 -17.26
CA GLY B 11 10.88 23.54 -17.97
C GLY B 11 10.26 22.62 -19.01
N ASP B 12 8.96 22.82 -19.24
CA ASP B 12 8.09 22.12 -20.22
C ASP B 12 7.98 20.63 -19.90
N PRO B 13 6.87 20.24 -19.28
CA PRO B 13 5.54 20.67 -19.69
C PRO B 13 5.02 21.86 -18.85
N PRO B 14 4.82 22.78 -19.03
CA PRO B 14 4.41 23.41 -17.73
C PRO B 14 3.68 22.57 -16.65
N TRP B 15 3.95 22.85 -15.36
CA TRP B 15 3.41 22.08 -14.19
C TRP B 15 1.87 22.17 -14.01
N PRO B 16 1.25 23.36 -13.89
CA PRO B 16 -0.22 23.42 -13.92
C PRO B 16 -0.95 22.65 -15.03
N ARG B 17 -0.34 22.49 -16.21
CA ARG B 17 -0.93 21.75 -17.37
C ARG B 17 -0.92 20.24 -17.11
N VAL B 18 -0.01 19.75 -16.24
CA VAL B 18 0.00 18.34 -15.73
C VAL B 18 -1.03 18.24 -14.60
N SER B 19 -0.89 19.05 -13.54
CA SER B 19 -1.76 19.05 -12.34
C SER B 19 -2.07 20.47 -11.86
N PRO B 20 -3.39 20.81 -11.76
CA PRO B 20 -3.86 22.11 -11.24
C PRO B 20 -3.36 22.44 -9.82
N ALA B 21 -3.05 21.40 -9.03
CA ALA B 21 -2.55 21.54 -7.65
C ALA B 21 -1.12 22.11 -7.66
N CYS B 22 -0.35 22.05 -8.78
CA CYS B 22 1.04 22.63 -8.84
C CYS B 22 0.96 24.16 -8.94
N ALA B 23 -0.26 24.72 -8.89
CA ALA B 23 -0.51 26.19 -8.88
C ALA B 23 -1.25 26.58 -7.60
N GLY B 24 -1.22 25.74 -6.57
CA GLY B 24 -1.88 26.08 -5.29
C GLY B 24 -1.14 27.18 -4.57
N ARG B 25 -1.79 27.78 -3.58
CA ARG B 25 -1.23 28.90 -2.79
C ARG B 25 -0.18 28.36 -1.77
N PHE B 26 -0.26 27.08 -1.39
CA PHE B 26 0.48 26.51 -0.23
C PHE B 26 1.32 25.33 -0.68
N GLN B 27 2.40 25.66 -1.39
CA GLN B 27 3.29 24.66 -2.02
C GLN B 27 4.58 24.55 -1.19
N SER B 28 5.33 23.49 -1.46
CA SER B 28 6.68 23.15 -0.94
C SER B 28 7.60 23.07 -2.15
N PRO B 29 8.93 23.22 -1.99
CA PRO B 29 9.54 23.52 -0.71
C PRO B 29 9.49 25.03 -0.39
N VAL B 30 10.03 25.39 0.75
CA VAL B 30 10.01 26.80 1.21
C VAL B 30 11.39 27.16 1.76
N ASP B 31 11.58 28.46 1.92
CA ASP B 31 12.75 29.07 2.59
C ASP B 31 12.37 29.19 4.07
N ILE B 32 13.09 28.50 4.92
CA ILE B 32 12.85 28.54 6.37
C ILE B 32 13.67 29.70 6.97
N ARG B 33 12.98 30.62 7.64
CA ARG B 33 13.64 31.75 8.32
C ARG B 33 13.41 31.53 9.81
N PRO B 34 14.39 30.99 10.55
CA PRO B 34 14.16 30.52 11.91
C PRO B 34 13.61 31.63 12.82
N GLN B 35 13.93 32.89 12.53
CA GLN B 35 13.45 34.03 13.35
C GLN B 35 11.96 34.22 13.16
N LEU B 36 11.37 33.79 12.06
CA LEU B 36 9.91 34.00 11.85
C LEU B 36 9.18 32.70 12.25
N ALA B 37 9.91 31.67 12.69
CA ALA B 37 9.26 30.38 13.06
C ALA B 37 8.60 30.56 14.43
N ALA B 38 7.46 29.93 14.65
CA ALA B 38 6.73 29.97 15.93
C ALA B 38 7.21 28.78 16.79
N PHE B 39 7.75 29.04 17.98
CA PHE B 39 8.08 27.99 18.96
C PHE B 39 6.76 27.39 19.41
N SER B 40 6.61 26.10 19.23
CA SER B 40 5.44 25.35 19.75
C SER B 40 5.90 24.17 20.58
N PRO B 41 5.76 24.21 21.91
CA PRO B 41 6.22 23.10 22.73
C PRO B 41 5.31 21.87 22.66
N ALA B 42 4.24 21.92 21.87
CA ALA B 42 3.43 20.71 21.59
C ALA B 42 4.19 19.78 20.62
N LEU B 43 5.24 20.28 19.96
CA LEU B 43 6.03 19.47 19.02
C LEU B 43 7.05 18.65 19.83
N ARG B 44 6.73 17.38 20.04
CA ARG B 44 7.59 16.42 20.78
C ARG B 44 8.51 15.68 19.81
N PRO B 45 9.48 14.95 20.37
CA PRO B 45 10.42 14.16 19.56
C PRO B 45 9.65 13.20 18.63
N LEU B 46 10.10 13.10 17.39
CA LEU B 46 9.53 12.10 16.42
C LEU B 46 9.80 10.69 16.96
N GLU B 47 8.93 9.74 16.68
CA GLU B 47 9.13 8.34 17.13
C GLU B 47 9.04 7.47 15.87
N LEU B 48 10.07 6.67 15.65
CA LEU B 48 10.17 5.69 14.56
C LEU B 48 10.13 4.29 15.14
N LEU B 49 9.42 3.37 14.50
CA LEU B 49 9.45 1.94 14.92
C LEU B 49 9.56 1.14 13.64
N GLY B 50 10.37 0.08 13.69
CA GLY B 50 10.54 -0.88 12.61
C GLY B 50 11.51 -0.37 11.54
N PHE B 51 12.31 0.67 11.79
CA PHE B 51 13.18 1.21 10.71
C PHE B 51 14.47 0.41 10.57
N GLN B 52 14.82 -0.42 11.55
CA GLN B 52 16.04 -1.26 11.53
C GLN B 52 15.68 -2.57 10.83
N LEU B 53 15.92 -2.66 9.54
CA LEU B 53 15.51 -3.80 8.69
C LEU B 53 16.55 -4.92 8.74
N PRO B 54 16.10 -6.19 8.66
CA PRO B 54 16.97 -7.29 8.32
C PRO B 54 17.40 -7.14 6.87
N PRO B 55 18.49 -7.81 6.47
CA PRO B 55 19.02 -7.71 5.13
C PRO B 55 18.09 -8.33 4.07
N LEU B 56 17.31 -9.35 4.42
CA LEU B 56 16.29 -9.96 3.53
C LEU B 56 14.94 -9.80 4.19
N PRO B 57 13.87 -9.48 3.43
CA PRO B 57 13.95 -9.27 1.98
C PRO B 57 14.67 -8.00 1.55
N GLU B 58 15.24 -8.01 0.36
CA GLU B 58 15.89 -6.83 -0.27
C GLU B 58 14.85 -5.78 -0.62
N LEU B 59 15.28 -4.55 -0.83
CA LEU B 59 14.46 -3.37 -1.16
C LEU B 59 14.76 -3.00 -2.61
N ARG B 60 13.84 -2.32 -3.28
CA ARG B 60 14.07 -1.88 -4.67
C ARG B 60 14.55 -0.42 -4.70
N LEU B 61 15.65 -0.19 -5.38
CA LEU B 61 16.30 1.12 -5.54
C LEU B 61 16.21 1.48 -7.01
N ARG B 62 15.57 2.59 -7.32
CA ARG B 62 15.15 2.94 -8.70
C ARG B 62 15.65 4.34 -9.07
N ASN B 63 16.27 4.47 -10.25
CA ASN B 63 16.46 5.75 -10.94
C ASN B 63 15.18 6.03 -11.73
N ASN B 64 14.32 6.91 -11.26
CA ASN B 64 13.02 7.17 -11.95
C ASN B 64 13.18 8.36 -12.90
N GLY B 65 14.41 8.80 -13.12
CA GLY B 65 14.70 9.89 -14.06
C GLY B 65 14.58 11.26 -13.43
N HIS B 66 13.99 11.41 -12.24
CA HIS B 66 13.97 12.72 -11.51
C HIS B 66 14.62 12.62 -10.12
N SER B 67 14.80 11.41 -9.61
CA SER B 67 15.45 11.15 -8.31
C SER B 67 15.97 9.72 -8.30
N VAL B 68 16.63 9.34 -7.20
CA VAL B 68 16.85 7.92 -6.87
C VAL B 68 15.92 7.60 -5.70
N GLN B 69 15.11 6.56 -5.83
CA GLN B 69 14.04 6.24 -4.86
C GLN B 69 14.22 4.83 -4.33
N LEU B 70 14.16 4.67 -3.00
CA LEU B 70 14.17 3.39 -2.28
C LEU B 70 12.75 3.09 -1.82
N THR B 71 12.16 2.00 -2.28
CA THR B 71 10.81 1.58 -1.85
C THR B 71 10.96 0.91 -0.50
N LEU B 72 10.17 1.34 0.49
CA LEU B 72 10.29 0.80 1.86
C LEU B 72 9.25 -0.27 2.03
N PRO B 73 9.53 -1.31 2.83
CA PRO B 73 8.59 -2.39 3.07
C PRO B 73 7.53 -2.03 4.08
N PRO B 74 6.48 -2.86 4.22
CA PRO B 74 5.50 -2.63 5.26
C PRO B 74 6.15 -2.80 6.64
N GLY B 75 5.53 -2.04 7.87
CA GLY B 75 6.08 -2.24 9.21
C GLY B 75 6.91 -1.04 9.65
N LEU B 76 7.11 -0.02 8.80
CA LEU B 76 7.90 1.17 9.23
C LEU B 76 6.89 2.21 9.71
N GLU B 77 6.82 2.39 11.03
CA GLU B 77 5.81 3.24 11.70
C GLU B 77 6.52 4.49 12.24
N MET B 78 5.91 5.64 11.98
CA MET B 78 6.41 6.98 12.35
C MET B 78 5.25 7.70 13.02
N ALA B 79 5.54 8.41 14.13
CA ALA B 79 4.52 9.22 14.83
C ALA B 79 5.05 10.65 14.92
N LEU B 80 4.26 11.64 14.50
CA LEU B 80 4.59 13.08 14.69
C LEU B 80 4.23 13.49 16.11
N GLY B 81 3.41 12.68 16.74
CA GLY B 81 2.99 12.86 18.14
C GLY B 81 2.00 11.75 18.50
N PRO B 82 1.49 11.96 19.81
CA PRO B 82 0.47 10.94 20.18
C PRO B 82 -0.80 11.06 19.30
N GLY B 83 -1.20 9.97 18.66
CA GLY B 83 -2.38 9.95 17.79
C GLY B 83 -2.10 10.36 16.35
N ARG B 84 -0.88 10.77 16.00
CA ARG B 84 -0.49 11.25 14.63
C ARG B 84 0.44 10.18 13.99
N GLU B 85 -0.12 9.06 13.53
CA GLU B 85 0.61 7.82 13.15
C GLU B 85 0.63 7.66 11.65
N TYR B 86 1.79 7.27 11.12
CA TYR B 86 2.09 7.17 9.68
C TYR B 86 2.84 5.85 9.43
N ARG B 87 2.81 5.40 8.17
CA ARG B 87 3.64 4.27 7.67
C ARG B 87 4.52 4.81 6.54
N ALA B 88 5.79 4.48 6.56
CA ALA B 88 6.75 4.95 5.56
C ALA B 88 6.47 4.18 4.26
N LEU B 89 6.54 4.85 3.11
CA LEU B 89 6.36 4.27 1.77
C LEU B 89 7.68 4.19 1.03
N GLN B 90 8.42 5.29 1.02
CA GLN B 90 9.63 5.40 0.16
C GLN B 90 10.47 6.55 0.67
N LEU B 91 11.74 6.56 0.29
CA LEU B 91 12.63 7.73 0.46
C LEU B 91 13.37 8.00 -0.86
N HIS B 92 13.70 9.24 -1.11
CA HIS B 92 14.44 9.65 -2.31
C HIS B 92 15.31 10.84 -1.95
N LEU B 93 16.13 11.25 -2.90
CA LEU B 93 17.18 12.28 -2.71
C LEU B 93 17.01 13.42 -3.70
N HIS B 94 17.41 14.60 -3.27
CA HIS B 94 17.53 15.79 -4.12
C HIS B 94 18.97 16.31 -3.97
N TRP B 95 19.61 16.70 -5.07
CA TRP B 95 21.05 17.03 -5.13
C TRP B 95 21.34 18.01 -6.27
N GLY B 96 22.52 18.61 -6.28
CA GLY B 96 22.93 19.65 -7.25
C GLY B 96 23.86 19.08 -8.31
N ALA B 97 25.07 19.64 -8.40
CA ALA B 97 26.11 19.34 -9.42
C ALA B 97 27.45 19.86 -8.89
N ALA B 98 28.57 19.59 -9.58
CA ALA B 98 29.93 20.04 -9.16
C ALA B 98 29.84 21.50 -8.68
N GLY B 99 30.20 21.77 -7.43
CA GLY B 99 30.13 23.12 -6.80
C GLY B 99 28.76 23.80 -6.92
N ARG B 100 27.64 23.07 -6.91
CA ARG B 100 26.29 23.71 -6.92
C ARG B 100 25.37 22.92 -5.99
N PRO B 101 24.89 23.53 -4.90
CA PRO B 101 24.02 22.80 -3.97
C PRO B 101 22.64 22.48 -4.58
N GLY B 102 21.95 21.46 -4.07
CA GLY B 102 20.67 21.00 -4.64
C GLY B 102 19.63 20.56 -3.62
N SER B 103 19.67 21.06 -2.38
CA SER B 103 18.57 20.86 -1.41
C SER B 103 17.32 21.54 -1.95
N GLU B 104 16.15 21.08 -1.54
CA GLU B 104 14.87 21.72 -1.94
C GLU B 104 14.57 22.85 -0.97
N HIS B 105 14.58 22.54 0.32
CA HIS B 105 14.40 23.57 1.36
C HIS B 105 15.68 24.39 1.44
N THR B 106 15.54 25.64 1.80
CA THR B 106 16.66 26.56 2.11
C THR B 106 16.41 27.08 3.51
N VAL B 107 17.48 27.54 4.15
CA VAL B 107 17.44 28.22 5.47
C VAL B 107 18.11 29.59 5.27
N GLU B 108 17.33 30.66 5.44
CA GLU B 108 17.81 32.05 5.28
C GLU B 108 18.51 32.14 3.94
N GLY B 109 17.93 31.52 2.91
CA GLY B 109 18.44 31.61 1.53
C GLY B 109 19.59 30.65 1.30
N HIS B 110 20.11 29.97 2.31
CA HIS B 110 21.23 28.98 2.13
C HIS B 110 20.70 27.68 1.56
N ARG B 111 21.22 27.22 0.43
CA ARG B 111 20.88 25.91 -0.17
C ARG B 111 21.99 24.93 0.18
N PHE B 112 21.62 23.75 0.67
CA PHE B 112 22.55 22.71 1.15
C PHE B 112 22.88 21.79 -0.01
N PRO B 113 23.99 21.04 0.10
CA PRO B 113 24.43 20.15 -0.99
C PRO B 113 23.31 19.22 -1.52
N ALA B 114 22.60 18.55 -0.60
CA ALA B 114 21.56 17.57 -0.96
C ALA B 114 20.48 17.45 0.14
N GLU B 115 19.41 16.68 -0.10
CA GLU B 115 18.28 16.57 0.84
C GLU B 115 17.71 15.17 0.71
N ILE B 116 17.33 14.58 1.85
CA ILE B 116 16.61 13.29 1.85
C ILE B 116 15.17 13.56 2.24
N HIS B 117 14.25 12.92 1.54
CA HIS B 117 12.80 12.90 1.83
C HIS B 117 12.33 11.49 2.15
N VAL B 118 11.67 11.30 3.29
CA VAL B 118 11.04 10.00 3.64
C VAL B 118 9.55 10.24 3.69
N VAL B 119 8.82 9.64 2.75
CA VAL B 119 7.40 9.99 2.50
C VAL B 119 6.58 8.93 3.23
N HIS B 120 5.55 9.36 3.95
CA HIS B 120 4.72 8.49 4.79
C HIS B 120 3.24 8.74 4.48
N LEU B 121 2.43 7.73 4.73
CA LEU B 121 0.96 7.69 4.53
C LEU B 121 0.32 7.57 5.91
N SER B 122 -0.68 8.40 6.21
CA SER B 122 -1.46 8.36 7.46
C SER B 122 -2.04 6.96 7.57
N THR B 123 -2.07 6.42 8.78
CA THR B 123 -2.65 5.08 9.01
C THR B 123 -4.15 5.17 8.85
N ALA B 124 -4.89 6.50 8.68
CA ALA B 124 -6.34 6.46 8.43
C ALA B 124 -6.65 6.10 6.97
N PHE B 125 -5.64 5.98 6.10
CA PHE B 125 -5.74 5.74 4.65
C PHE B 125 -5.00 4.45 4.25
N ALA B 126 -5.64 3.63 3.41
CA ALA B 126 -5.06 2.39 2.82
C ALA B 126 -4.17 2.72 1.62
N ARG B 127 -4.45 3.80 0.90
CA ARG B 127 -3.76 4.09 -0.37
C ARG B 127 -3.41 5.56 -0.42
N VAL B 128 -2.27 5.89 -1.03
CA VAL B 128 -1.86 7.28 -1.37
C VAL B 128 -3.01 8.04 -2.05
N ASP B 129 -3.69 7.47 -3.04
CA ASP B 129 -4.64 8.31 -3.82
C ASP B 129 -5.82 8.74 -2.92
N GLU B 130 -6.21 8.01 -1.88
CA GLU B 130 -7.23 8.49 -0.92
C GLU B 130 -6.68 9.62 -0.01
N ALA B 131 -5.36 9.69 0.23
CA ALA B 131 -4.73 10.66 1.14
C ALA B 131 -4.45 11.99 0.45
N LEU B 132 -4.21 11.97 -0.87
CA LEU B 132 -3.82 13.18 -1.66
C LEU B 132 -4.82 14.31 -1.40
N GLY B 133 -4.33 15.50 -1.10
CA GLY B 133 -5.20 16.67 -0.84
C GLY B 133 -5.89 16.61 0.51
N ARG B 134 -5.80 15.51 1.27
CA ARG B 134 -6.50 15.43 2.59
C ARG B 134 -5.57 15.96 3.67
N PRO B 135 -6.09 16.67 4.69
CA PRO B 135 -5.26 17.24 5.75
C PRO B 135 -4.45 16.19 6.52
N GLY B 136 -3.12 16.28 6.48
CA GLY B 136 -2.25 15.34 7.21
C GLY B 136 -2.29 13.92 6.65
N GLY B 137 -2.78 13.76 5.43
CA GLY B 137 -2.90 12.45 4.77
C GLY B 137 -1.53 11.89 4.48
N LEU B 138 -0.60 12.75 4.11
CA LEU B 138 0.81 12.43 3.82
C LEU B 138 1.70 13.31 4.71
N ALA B 139 2.83 12.75 5.13
CA ALA B 139 3.82 13.42 6.00
C ALA B 139 5.20 13.10 5.44
N VAL B 140 6.05 14.11 5.29
CA VAL B 140 7.42 13.88 4.77
C VAL B 140 8.40 14.28 5.89
N LEU B 141 9.41 13.45 6.16
CA LEU B 141 10.62 13.81 6.97
C LEU B 141 11.74 14.23 6.04
N ALA B 142 12.29 15.41 6.25
CA ALA B 142 13.32 15.99 5.37
C ALA B 142 14.55 16.30 6.22
N ALA B 143 15.73 15.94 5.71
CA ALA B 143 17.00 16.28 6.37
C ALA B 143 17.97 16.76 5.31
N PHE B 144 18.79 17.75 5.65
CA PHE B 144 19.81 18.24 4.69
C PHE B 144 21.00 17.30 4.77
N LEU B 145 21.66 17.10 3.63
CA LEU B 145 22.97 16.43 3.60
C LEU B 145 24.07 17.46 3.32
N GLU B 146 25.14 17.38 4.13
CA GLU B 146 26.34 18.24 4.08
C GLU B 146 27.59 17.35 4.07
N GLU B 147 28.72 17.91 3.71
CA GLU B 147 30.01 17.21 3.72
C GLU B 147 30.49 17.11 5.15
N GLY B 148 30.82 15.89 5.57
CA GLY B 148 31.66 15.66 6.76
C GLY B 148 32.96 14.97 6.36
N PRO B 149 33.85 14.69 7.33
CA PRO B 149 35.13 14.05 7.04
C PRO B 149 35.14 12.54 6.74
N GLU B 150 34.07 11.82 7.12
CA GLU B 150 34.01 10.35 7.15
C GLU B 150 33.01 9.88 6.09
N GLU B 151 33.30 8.74 5.52
CA GLU B 151 32.33 7.98 4.68
C GLU B 151 31.13 7.62 5.55
N ASN B 152 29.92 7.96 5.09
CA ASN B 152 28.69 7.63 5.84
C ASN B 152 28.32 6.18 5.47
N SER B 153 28.39 5.23 6.39
CA SER B 153 28.29 3.78 6.02
C SER B 153 26.86 3.44 5.60
N ALA B 154 25.84 4.06 6.22
CA ALA B 154 24.45 3.79 5.78
C ALA B 154 24.28 4.30 4.34
N TYR B 155 24.74 5.52 4.01
CA TYR B 155 24.55 6.08 2.67
C TYR B 155 25.35 5.25 1.67
N GLU B 156 26.49 4.70 2.07
CA GLU B 156 27.39 3.96 1.16
C GLU B 156 26.63 2.77 0.56
N GLN B 157 25.71 2.16 1.31
CA GLN B 157 24.96 0.99 0.78
C GLN B 157 24.09 1.40 -0.41
N LEU B 158 23.60 2.63 -0.43
CA LEU B 158 22.83 3.10 -1.60
C LEU B 158 23.80 3.63 -2.65
N LEU B 159 24.73 4.49 -2.23
CA LEU B 159 25.58 5.23 -3.19
C LEU B 159 26.48 4.23 -3.96
N SER B 160 26.90 3.14 -3.35
CA SER B 160 27.77 2.12 -4.00
C SER B 160 26.98 1.36 -5.09
N ARG B 161 25.68 1.58 -5.24
CA ARG B 161 24.86 0.93 -6.27
C ARG B 161 24.41 1.88 -7.34
N LEU B 162 24.76 3.18 -7.30
CA LEU B 162 24.18 4.10 -8.32
C LEU B 162 24.67 3.73 -9.71
N GLU B 163 25.89 3.20 -9.85
CA GLU B 163 26.51 2.83 -11.17
C GLU B 163 25.60 1.79 -11.86
N GLU B 164 25.05 0.85 -11.10
CA GLU B 164 24.12 -0.22 -11.60
C GLU B 164 22.87 0.45 -12.19
N ILE B 165 22.44 1.61 -11.69
CA ILE B 165 21.16 2.24 -12.10
C ILE B 165 21.43 3.60 -12.75
N ALA B 166 22.58 3.77 -13.43
CA ALA B 166 22.91 5.07 -14.08
C ALA B 166 21.83 5.43 -15.09
N GLU B 167 21.24 4.43 -15.74
CA GLU B 167 20.28 4.68 -16.83
C GLU B 167 18.93 5.10 -16.23
N GLU B 168 18.34 6.16 -16.78
CA GLU B 168 16.93 6.53 -16.51
C GLU B 168 16.06 5.26 -16.58
N GLY B 169 15.19 5.06 -15.59
CA GLY B 169 14.23 3.94 -15.54
C GLY B 169 14.84 2.63 -15.10
N SER B 170 16.11 2.59 -14.72
CA SER B 170 16.74 1.34 -14.23
C SER B 170 16.51 1.17 -12.72
N GLU B 171 16.64 -0.07 -12.25
CA GLU B 171 16.54 -0.40 -10.82
C GLU B 171 17.40 -1.60 -10.46
N THR B 172 17.60 -1.77 -9.17
CA THR B 172 18.44 -2.82 -8.57
C THR B 172 17.88 -3.14 -7.20
N GLN B 173 18.21 -4.30 -6.66
CA GLN B 173 17.77 -4.73 -5.32
C GLN B 173 18.94 -4.41 -4.36
N VAL B 174 18.63 -3.91 -3.17
CA VAL B 174 19.66 -3.67 -2.11
C VAL B 174 19.21 -4.34 -0.83
N PRO B 175 20.15 -4.88 -0.04
CA PRO B 175 19.80 -5.43 1.25
C PRO B 175 19.14 -4.39 2.16
N GLY B 176 18.21 -4.83 2.99
CA GLY B 176 17.67 -4.02 4.08
C GLY B 176 18.79 -3.48 4.94
N LEU B 177 18.59 -2.30 5.49
CA LEU B 177 19.59 -1.63 6.36
C LEU B 177 18.81 -0.87 7.43
N ASP B 178 19.55 -0.18 8.28
CA ASP B 178 18.94 0.72 9.32
C ASP B 178 18.52 1.99 8.59
N ILE B 179 17.24 2.11 8.21
CA ILE B 179 16.77 3.28 7.44
C ILE B 179 16.95 4.52 8.34
N SER B 180 16.75 4.39 9.65
CA SER B 180 16.88 5.53 10.61
C SER B 180 18.32 6.06 10.57
N ALA B 181 19.29 5.30 10.07
CA ALA B 181 20.70 5.77 10.00
C ALA B 181 20.90 6.67 8.78
N LEU B 182 19.89 6.86 7.91
CA LEU B 182 19.98 7.84 6.79
C LEU B 182 19.51 9.21 7.28
N LEU B 183 19.06 9.29 8.54
CA LEU B 183 18.45 10.53 9.09
C LEU B 183 19.35 11.00 10.22
N PRO B 184 19.21 12.28 10.65
CA PRO B 184 19.93 12.77 11.83
C PRO B 184 19.58 12.00 13.10
N SER B 185 20.49 11.97 14.07
CA SER B 185 20.22 11.31 15.38
C SER B 185 19.31 12.20 16.25
N ASP B 186 19.32 13.51 16.02
CA ASP B 186 18.47 14.43 16.83
C ASP B 186 17.04 14.45 16.24
N PHE B 187 16.07 13.78 16.88
CA PHE B 187 14.64 13.78 16.48
C PHE B 187 13.82 14.82 17.27
N SER B 188 14.45 15.65 18.09
CA SER B 188 13.75 16.53 19.04
C SER B 188 13.65 17.94 18.46
N ARG B 189 14.58 18.28 17.56
CA ARG B 189 14.72 19.66 17.03
C ARG B 189 14.45 19.71 15.52
N TYR B 190 13.38 20.40 15.12
CA TYR B 190 12.84 20.36 13.74
C TYR B 190 11.88 21.53 13.54
N PHE B 191 11.67 21.86 12.28
CA PHE B 191 10.68 22.83 11.78
C PHE B 191 9.55 21.99 11.19
N GLN B 192 8.32 22.46 11.31
CA GLN B 192 7.16 21.74 10.76
C GLN B 192 6.23 22.77 10.11
N TYR B 193 5.76 22.46 8.93
CA TYR B 193 4.75 23.33 8.27
C TYR B 193 3.85 22.48 7.38
N GLU B 194 2.78 23.10 6.89
CA GLU B 194 1.82 22.46 5.99
C GLU B 194 2.11 22.92 4.58
N GLY B 195 2.22 21.96 3.68
CA GLY B 195 2.62 22.22 2.29
C GLY B 195 2.13 21.16 1.34
N SER B 196 2.93 20.86 0.34
CA SER B 196 2.49 20.10 -0.85
C SER B 196 3.54 19.08 -1.25
N LEU B 197 3.13 18.13 -2.11
CA LEU B 197 4.08 17.36 -2.94
C LEU B 197 4.75 18.34 -3.91
N THR B 198 5.97 18.01 -4.33
CA THR B 198 6.87 18.90 -5.11
C THR B 198 6.94 18.41 -6.56
N THR B 199 6.16 17.41 -6.92
CA THR B 199 6.04 16.90 -8.29
C THR B 199 4.56 16.68 -8.53
N PRO B 200 4.08 16.75 -9.77
CA PRO B 200 2.66 16.58 -10.06
C PRO B 200 2.16 15.29 -9.43
N PRO B 201 1.05 15.33 -8.67
CA PRO B 201 0.08 16.43 -8.70
C PRO B 201 0.27 17.67 -7.79
N CYS B 202 1.28 17.72 -6.97
CA CYS B 202 1.59 18.84 -6.01
C CYS B 202 0.39 19.07 -5.07
N ALA B 203 -0.24 17.99 -4.63
CA ALA B 203 -1.41 18.04 -3.74
C ALA B 203 -0.97 18.63 -2.41
N GLN B 204 -1.87 19.45 -1.86
CA GLN B 204 -1.67 20.15 -0.57
C GLN B 204 -2.05 19.21 0.58
N GLY B 205 -1.87 19.69 1.82
CA GLY B 205 -2.24 18.96 3.04
C GLY B 205 -1.09 18.07 3.51
N VAL B 206 0.10 18.26 2.95
CA VAL B 206 1.29 17.44 3.33
C VAL B 206 1.94 18.11 4.55
N ILE B 207 2.18 17.33 5.60
CA ILE B 207 2.95 17.80 6.79
C ILE B 207 4.43 17.52 6.54
N TRP B 208 5.18 18.61 6.39
CA TRP B 208 6.66 18.62 6.22
C TRP B 208 7.30 18.86 7.59
N THR B 209 8.20 17.96 7.93
CA THR B 209 9.12 18.03 9.07
C THR B 209 10.54 18.11 8.54
N VAL B 210 11.22 19.20 8.84
CA VAL B 210 12.60 19.49 8.42
C VAL B 210 13.46 19.52 9.68
N PHE B 211 14.35 18.53 9.78
CA PHE B 211 15.32 18.39 10.91
C PHE B 211 16.25 19.61 10.98
N GLN B 212 16.55 20.06 12.19
CA GLN B 212 17.60 21.10 12.42
C GLN B 212 18.98 20.51 12.16
N GLN B 213 19.22 19.32 12.69
CA GLN B 213 20.54 18.68 12.53
C GLN B 213 20.66 18.13 11.11
N THR B 214 21.85 18.20 10.52
CA THR B 214 22.08 17.69 9.18
C THR B 214 22.78 16.32 9.25
N VAL B 215 22.75 15.64 8.12
CA VAL B 215 23.44 14.34 7.90
C VAL B 215 24.71 14.61 7.13
N MET B 216 25.79 13.90 7.44
CA MET B 216 27.15 14.14 6.88
C MET B 216 27.52 13.01 5.91
N LEU B 217 27.86 13.37 4.69
CA LEU B 217 28.43 12.45 3.67
C LEU B 217 29.84 12.97 3.38
N SER B 218 30.73 12.12 2.88
CA SER B 218 32.09 12.50 2.41
C SER B 218 31.94 13.26 1.10
N ALA B 219 32.94 14.08 0.75
CA ALA B 219 33.03 14.76 -0.57
C ALA B 219 32.86 13.70 -1.68
N LYS B 220 33.46 12.54 -1.53
CA LYS B 220 33.41 11.51 -2.60
C LYS B 220 31.95 11.01 -2.73
N GLN B 221 31.28 10.80 -1.60
CA GLN B 221 29.84 10.36 -1.57
C GLN B 221 28.99 11.41 -2.26
N LEU B 222 29.22 12.69 -1.98
CA LEU B 222 28.36 13.73 -2.59
C LEU B 222 28.64 13.79 -4.09
N HIS B 223 29.88 13.58 -4.51
CA HIS B 223 30.24 13.58 -5.95
C HIS B 223 29.57 12.35 -6.59
N THR B 224 29.54 11.19 -5.93
CA THR B 224 28.91 9.96 -6.50
C THR B 224 27.42 10.25 -6.76
N LEU B 225 26.76 10.88 -5.79
CA LEU B 225 25.30 11.15 -5.87
C LEU B 225 25.02 12.02 -7.09
N SER B 226 25.83 13.06 -7.32
CA SER B 226 25.54 14.14 -8.30
C SER B 226 26.10 13.81 -9.69
N ASP B 227 27.03 12.87 -9.79
CA ASP B 227 27.79 12.66 -11.05
C ASP B 227 27.46 11.28 -11.66
N THR B 228 26.62 10.43 -11.05
CA THR B 228 26.49 9.03 -11.53
C THR B 228 25.23 8.82 -12.38
N LEU B 229 24.10 9.47 -12.09
CA LEU B 229 22.80 9.08 -12.70
C LEU B 229 22.49 9.98 -13.90
N TRP B 230 21.79 9.44 -14.91
CA TRP B 230 21.32 10.15 -16.12
C TRP B 230 19.80 10.23 -16.08
N GLY B 231 19.22 11.28 -16.67
CA GLY B 231 17.76 11.52 -16.63
C GLY B 231 17.17 11.51 -18.03
N PRO B 232 16.03 12.17 -18.21
CA PRO B 232 15.41 12.18 -19.52
C PRO B 232 16.46 12.55 -20.56
N GLY B 233 16.63 11.72 -21.59
CA GLY B 233 17.54 12.00 -22.71
C GLY B 233 18.98 11.68 -22.38
N ASP B 234 19.92 12.38 -23.01
CA ASP B 234 21.37 12.16 -22.80
C ASP B 234 21.92 13.29 -21.92
N SER B 235 21.17 13.57 -20.87
CA SER B 235 21.41 14.62 -19.83
C SER B 235 21.63 13.98 -18.45
N ARG B 236 22.61 14.47 -17.71
CA ARG B 236 22.90 14.09 -16.30
C ARG B 236 21.70 14.44 -15.41
N LEU B 237 21.30 13.53 -14.52
CA LEU B 237 20.29 13.78 -13.46
C LEU B 237 21.00 14.55 -12.33
N GLN B 238 20.79 15.87 -12.31
CA GLN B 238 21.45 16.86 -11.44
C GLN B 238 20.49 18.03 -11.19
N LEU B 239 20.70 18.83 -10.14
CA LEU B 239 19.88 20.04 -9.86
C LEU B 239 18.39 19.67 -9.90
N ASN B 240 18.05 18.47 -9.42
CA ASN B 240 16.69 17.90 -9.37
C ASN B 240 15.96 18.44 -8.12
N PHE B 241 15.86 19.77 -7.99
CA PHE B 241 15.13 20.46 -6.91
C PHE B 241 14.14 21.47 -7.50
N ARG B 242 12.97 21.57 -6.89
CA ARG B 242 11.97 22.61 -7.24
C ARG B 242 12.38 23.92 -6.61
N ALA B 243 12.09 25.03 -7.28
CA ALA B 243 12.36 26.39 -6.76
C ALA B 243 11.51 26.59 -5.50
N THR B 244 12.04 27.36 -4.57
CA THR B 244 11.39 27.77 -3.32
C THR B 244 10.05 28.44 -3.67
N GLN B 245 9.00 28.06 -2.94
CA GLN B 245 7.62 28.56 -3.03
C GLN B 245 7.38 29.49 -1.85
N PRO B 246 6.59 30.57 -2.06
CA PRO B 246 6.35 31.53 -0.99
C PRO B 246 5.49 30.90 0.12
N LEU B 247 5.72 31.30 1.37
CA LEU B 247 4.92 30.80 2.51
C LEU B 247 3.46 31.26 2.35
N ASN B 248 3.27 32.44 1.76
CA ASN B 248 1.94 33.01 1.46
C ASN B 248 1.11 33.07 2.75
N GLY B 249 1.75 33.44 3.87
CA GLY B 249 1.10 33.66 5.19
C GLY B 249 1.10 32.44 6.08
N ARG B 250 1.55 31.28 5.61
CA ARG B 250 1.79 30.13 6.50
C ARG B 250 2.89 30.51 7.52
N VAL B 251 2.75 30.01 8.74
CA VAL B 251 3.78 30.14 9.81
C VAL B 251 4.45 28.79 10.01
N ILE B 252 5.77 28.72 9.84
CA ILE B 252 6.55 27.48 10.10
C ILE B 252 6.68 27.36 11.62
N GLU B 253 6.43 26.19 12.16
CA GLU B 253 6.55 25.95 13.61
C GLU B 253 7.93 25.32 13.85
N ALA B 254 8.47 25.53 15.05
CA ALA B 254 9.77 25.02 15.52
C ALA B 254 9.52 24.32 16.84
N SER B 255 10.18 23.18 17.05
CA SER B 255 10.06 22.37 18.30
C SER B 255 10.93 22.96 19.43
N PHE B 256 11.57 24.12 19.23
CA PHE B 256 12.60 24.70 20.12
C PHE B 256 12.55 26.21 19.99
N PRO B 257 12.81 26.93 21.11
CA PRO B 257 12.75 28.39 21.11
C PRO B 257 13.97 28.97 20.36
N TRP C 7 -27.82 3.45 22.33
CA TRP C 7 -27.07 4.12 23.44
C TRP C 7 -27.92 5.28 24.02
N ARG C 8 -27.81 5.48 25.33
CA ARG C 8 -28.40 6.61 26.11
C ARG C 8 -27.29 7.21 26.99
N TYR C 9 -27.58 8.31 27.69
CA TYR C 9 -26.84 8.75 28.92
C TYR C 9 -27.52 8.05 30.11
N GLY C 10 -26.86 8.01 31.27
CA GLY C 10 -27.24 7.13 32.40
C GLY C 10 -26.60 5.76 32.27
N GLY C 11 -27.40 4.70 32.06
CA GLY C 11 -26.91 3.32 31.87
C GLY C 11 -27.57 2.65 30.66
N ASP C 12 -27.26 1.36 30.44
CA ASP C 12 -27.91 0.43 29.48
C ASP C 12 -28.06 1.07 28.09
N PRO C 13 -27.11 0.79 27.19
CA PRO C 13 -25.97 -0.11 27.42
C PRO C 13 -24.58 0.53 27.21
N PRO C 14 -23.39 -0.52 27.84
CA PRO C 14 -21.91 -0.39 27.90
C PRO C 14 -21.46 0.31 26.61
N TRP C 15 -20.88 1.51 26.71
CA TRP C 15 -20.61 2.30 25.47
C TRP C 15 -19.60 1.59 24.56
N PRO C 16 -18.36 1.30 25.03
CA PRO C 16 -17.45 0.37 24.34
C PRO C 16 -18.02 -0.95 23.79
N ARG C 17 -18.99 -1.58 24.46
CA ARG C 17 -19.59 -2.88 24.05
C ARG C 17 -20.41 -2.73 22.75
N VAL C 18 -21.05 -1.57 22.55
CA VAL C 18 -21.84 -1.23 21.31
C VAL C 18 -20.91 -0.62 20.24
N SER C 19 -19.88 0.12 20.66
CA SER C 19 -18.89 0.80 19.78
C SER C 19 -17.52 0.82 20.46
N PRO C 20 -16.64 -0.16 20.16
CA PRO C 20 -15.34 -0.26 20.84
C PRO C 20 -14.43 0.95 20.55
N ALA C 21 -14.76 1.75 19.54
CA ALA C 21 -14.06 3.01 19.23
C ALA C 21 -14.12 3.91 20.49
N CYS C 22 -15.14 3.74 21.34
CA CYS C 22 -15.34 4.55 22.55
C CYS C 22 -14.26 4.24 23.59
N ALA C 23 -13.51 3.15 23.42
CA ALA C 23 -12.34 2.77 24.27
C ALA C 23 -11.04 3.11 23.54
N GLY C 24 -11.07 3.95 22.50
CA GLY C 24 -9.82 4.44 21.87
C GLY C 24 -8.99 5.28 22.85
N ARG C 25 -7.75 5.58 22.49
CA ARG C 25 -6.78 6.28 23.38
C ARG C 25 -6.99 7.80 23.34
N PHE C 26 -7.62 8.35 22.29
CA PHE C 26 -7.62 9.81 22.01
C PHE C 26 -9.06 10.31 21.88
N GLN C 27 -9.77 10.25 23.00
CA GLN C 27 -11.22 10.57 23.05
C GLN C 27 -11.43 11.99 23.60
N SER C 28 -12.67 12.44 23.40
CA SER C 28 -13.26 13.68 23.91
C SER C 28 -14.48 13.35 24.78
N PRO C 29 -14.87 14.23 25.72
CA PRO C 29 -14.15 15.48 25.98
C PRO C 29 -13.01 15.35 27.00
N VAL C 30 -12.34 16.44 27.32
CA VAL C 30 -11.13 16.44 28.20
C VAL C 30 -11.23 17.62 29.19
N ASP C 31 -10.47 17.53 30.27
CA ASP C 31 -10.24 18.65 31.22
C ASP C 31 -9.13 19.55 30.63
N ILE C 32 -9.43 20.84 30.47
CA ILE C 32 -8.47 21.85 29.98
C ILE C 32 -7.75 22.43 31.20
N ARG C 33 -6.41 22.36 31.21
CA ARG C 33 -5.51 22.88 32.26
C ARG C 33 -4.68 23.96 31.61
N PRO C 34 -5.13 25.24 31.66
CA PRO C 34 -4.46 26.29 30.90
C PRO C 34 -2.96 26.39 31.16
N GLN C 35 -2.52 26.14 32.40
CA GLN C 35 -1.07 26.30 32.71
C GLN C 35 -0.28 25.21 31.99
N LEU C 36 -0.94 24.15 31.55
CA LEU C 36 -0.26 23.01 30.86
C LEU C 36 -0.51 23.10 29.35
N ALA C 37 -1.27 24.10 28.90
CA ALA C 37 -1.51 24.29 27.45
C ALA C 37 -0.20 24.75 26.80
N ALA C 38 0.07 24.33 25.56
CA ALA C 38 1.22 24.82 24.77
C ALA C 38 0.80 26.08 23.97
N PHE C 39 1.35 27.25 24.26
CA PHE C 39 1.16 28.45 23.41
C PHE C 39 1.80 28.19 22.04
N SER C 40 1.07 28.24 20.93
CA SER C 40 1.73 28.41 19.61
C SER C 40 1.20 29.64 18.93
N PRO C 41 2.10 30.60 18.64
CA PRO C 41 1.69 31.77 17.90
C PRO C 41 1.29 31.43 16.46
N ALA C 42 1.42 30.19 16.01
CA ALA C 42 0.94 29.84 14.64
C ALA C 42 -0.59 29.74 14.61
N LEU C 43 -1.27 29.57 15.75
CA LEU C 43 -2.75 29.52 15.84
C LEU C 43 -3.30 30.95 15.63
N ARG C 44 -3.83 31.21 14.44
CA ARG C 44 -4.35 32.53 13.98
C ARG C 44 -5.83 32.63 14.35
N PRO C 45 -6.43 33.85 14.33
CA PRO C 45 -7.85 34.00 14.64
C PRO C 45 -8.73 33.14 13.72
N LEU C 46 -9.78 32.56 14.26
CA LEU C 46 -10.74 31.71 13.48
C LEU C 46 -11.39 32.62 12.43
N GLU C 47 -11.58 32.15 11.21
CA GLU C 47 -12.37 32.88 10.19
C GLU C 47 -13.71 32.15 9.99
N LEU C 48 -14.83 32.81 10.25
CA LEU C 48 -16.23 32.32 10.05
C LEU C 48 -16.97 33.28 9.11
N LEU C 49 -17.15 32.87 7.84
CA LEU C 49 -17.86 33.65 6.80
C LEU C 49 -19.15 32.93 6.41
N GLY C 50 -20.19 33.70 6.12
CA GLY C 50 -21.50 33.21 5.70
C GLY C 50 -22.39 32.79 6.87
N PHE C 51 -22.05 33.14 8.12
CA PHE C 51 -22.81 32.68 9.32
C PHE C 51 -24.03 33.59 9.59
N GLN C 52 -24.09 34.75 8.95
CA GLN C 52 -25.20 35.73 9.20
C GLN C 52 -26.35 35.33 8.26
N LEU C 53 -27.18 34.37 8.68
CA LEU C 53 -28.24 33.81 7.81
C LEU C 53 -29.42 34.79 7.73
N PRO C 54 -30.12 34.86 6.58
CA PRO C 54 -31.31 35.69 6.46
C PRO C 54 -32.50 34.92 7.04
N PRO C 55 -33.63 35.59 7.34
CA PRO C 55 -34.76 34.94 8.00
C PRO C 55 -35.32 33.75 7.21
N LEU C 56 -35.15 33.74 5.89
CA LEU C 56 -35.58 32.62 5.02
C LEU C 56 -34.40 32.21 4.15
N PRO C 57 -34.21 30.90 3.84
CA PRO C 57 -35.10 29.84 4.30
C PRO C 57 -35.00 29.53 5.79
N GLU C 58 -36.01 28.85 6.31
CA GLU C 58 -36.09 28.38 7.71
C GLU C 58 -35.14 27.19 7.91
N LEU C 59 -34.87 26.83 9.15
CA LEU C 59 -33.87 25.81 9.54
C LEU C 59 -34.59 24.71 10.34
N ARG C 60 -34.27 23.45 10.09
CA ARG C 60 -34.75 22.32 10.93
C ARG C 60 -34.07 22.34 12.31
N LEU C 61 -34.87 22.40 13.38
CA LEU C 61 -34.48 22.24 14.80
C LEU C 61 -35.14 20.97 15.29
N ARG C 62 -34.39 20.05 15.87
CA ARG C 62 -34.88 18.68 16.10
C ARG C 62 -34.44 18.22 17.49
N ASN C 63 -35.35 17.59 18.23
CA ASN C 63 -35.03 16.83 19.46
C ASN C 63 -34.74 15.40 19.01
N ASN C 64 -33.47 14.97 19.03
CA ASN C 64 -33.04 13.63 18.52
C ASN C 64 -32.93 12.66 19.71
N GLY C 65 -33.38 13.07 20.90
CA GLY C 65 -33.33 12.27 22.13
C GLY C 65 -32.02 12.40 22.91
N HIS C 66 -30.95 12.94 22.30
CA HIS C 66 -29.59 13.10 22.91
C HIS C 66 -29.25 14.59 23.04
N SER C 67 -29.76 15.44 22.15
CA SER C 67 -29.57 16.92 22.18
C SER C 67 -30.72 17.58 21.40
N VAL C 68 -30.74 18.92 21.34
CA VAL C 68 -31.44 19.70 20.30
C VAL C 68 -30.41 20.08 19.24
N GLN C 69 -30.75 19.84 17.98
CA GLN C 69 -29.84 19.99 16.82
C GLN C 69 -30.52 20.89 15.80
N LEU C 70 -29.78 21.91 15.39
CA LEU C 70 -30.11 22.84 14.29
C LEU C 70 -29.28 22.46 13.08
N THR C 71 -29.97 22.09 11.99
CA THR C 71 -29.31 21.79 10.69
C THR C 71 -28.92 23.13 10.07
N LEU C 72 -27.70 23.21 9.56
CA LEU C 72 -27.24 24.48 8.99
C LEU C 72 -27.22 24.33 7.49
N PRO C 73 -27.52 25.40 6.74
CA PRO C 73 -27.50 25.34 5.28
C PRO C 73 -26.08 25.39 4.73
N PRO C 74 -25.96 25.29 3.41
CA PRO C 74 -24.66 25.42 2.78
C PRO C 74 -24.16 26.86 2.84
N GLY C 75 -22.85 27.07 2.75
CA GLY C 75 -22.31 28.44 2.71
C GLY C 75 -21.69 28.94 4.00
N LEU C 76 -21.70 28.17 5.08
CA LEU C 76 -21.05 28.63 6.34
C LEU C 76 -19.60 28.12 6.25
N GLU C 77 -18.67 28.98 5.89
CA GLU C 77 -17.25 28.61 5.63
C GLU C 77 -16.44 28.98 6.87
N MET C 78 -15.57 28.07 7.29
CA MET C 78 -14.71 28.23 8.49
C MET C 78 -13.29 27.76 8.15
N ALA C 79 -12.29 28.48 8.63
CA ALA C 79 -10.86 28.11 8.46
C ALA C 79 -10.19 28.08 9.85
N LEU C 80 -9.45 27.00 10.15
CA LEU C 80 -8.57 26.91 11.35
C LEU C 80 -7.17 27.47 11.02
N GLY C 81 -6.88 27.63 9.73
CA GLY C 81 -5.60 28.15 9.26
C GLY C 81 -5.67 28.50 7.79
N PRO C 82 -4.31 28.61 7.24
CA PRO C 82 -4.24 28.88 5.81
C PRO C 82 -4.51 27.59 5.05
N GLY C 83 -5.51 27.60 4.18
CA GLY C 83 -5.93 26.43 3.39
C GLY C 83 -6.55 25.32 4.24
N ARG C 84 -6.91 25.56 5.50
CA ARG C 84 -7.50 24.48 6.32
C ARG C 84 -8.97 24.84 6.51
N GLU C 85 -9.80 24.53 5.52
CA GLU C 85 -11.19 25.05 5.44
C GLU C 85 -12.20 23.92 5.68
N TYR C 86 -13.36 24.36 6.12
CA TYR C 86 -14.48 23.61 6.74
C TYR C 86 -15.82 24.27 6.31
N ARG C 87 -16.88 23.47 6.23
CA ARG C 87 -18.27 23.93 6.10
C ARG C 87 -19.04 23.44 7.31
N ALA C 88 -19.85 24.30 7.92
CA ALA C 88 -20.65 23.96 9.09
C ALA C 88 -21.83 23.08 8.64
N LEU C 89 -22.10 21.99 9.36
CA LEU C 89 -23.20 21.05 9.09
C LEU C 89 -24.36 21.31 10.03
N GLN C 90 -24.08 21.52 11.30
CA GLN C 90 -25.11 21.51 12.38
C GLN C 90 -24.50 22.08 13.65
N LEU C 91 -25.35 22.54 14.56
CA LEU C 91 -24.94 22.84 15.95
C LEU C 91 -25.91 22.17 16.90
N HIS C 92 -25.45 21.93 18.10
CA HIS C 92 -26.26 21.26 19.14
C HIS C 92 -25.67 21.63 20.49
N LEU C 93 -26.39 21.31 21.55
CA LEU C 93 -26.09 21.84 22.89
C LEU C 93 -25.95 20.66 23.86
N HIS C 94 -25.19 20.87 24.91
CA HIS C 94 -25.04 19.93 26.04
C HIS C 94 -25.37 20.73 27.28
N TRP C 95 -26.18 20.16 28.18
CA TRP C 95 -26.67 20.91 29.36
C TRP C 95 -26.93 19.98 30.55
N GLY C 96 -27.19 20.60 31.71
CA GLY C 96 -27.22 19.93 33.02
C GLY C 96 -28.63 19.58 33.46
N ALA C 97 -28.98 19.98 34.68
CA ALA C 97 -30.34 19.89 35.26
C ALA C 97 -30.46 20.98 36.34
N ALA C 98 -31.62 21.10 36.97
CA ALA C 98 -31.87 22.02 38.11
C ALA C 98 -30.58 22.15 38.93
N GLY C 99 -29.94 23.33 38.87
CA GLY C 99 -28.72 23.68 39.63
C GLY C 99 -27.63 22.61 39.51
N ARG C 100 -27.42 22.09 38.29
CA ARG C 100 -26.35 21.09 38.02
C ARG C 100 -25.74 21.39 36.66
N PRO C 101 -24.43 21.70 36.55
CA PRO C 101 -23.83 22.03 35.26
C PRO C 101 -23.74 20.82 34.29
N GLY C 102 -23.78 21.05 32.99
CA GLY C 102 -23.77 19.98 31.97
C GLY C 102 -22.86 20.23 30.76
N SER C 103 -21.83 21.07 30.88
CA SER C 103 -20.81 21.20 29.81
C SER C 103 -20.11 19.84 29.64
N GLU C 104 -19.54 19.59 28.46
CA GLU C 104 -18.76 18.37 28.15
C GLU C 104 -17.30 18.62 28.55
N HIS C 105 -16.66 19.66 27.99
CA HIS C 105 -15.30 20.05 28.43
C HIS C 105 -15.42 20.63 29.84
N THR C 106 -14.34 20.54 30.62
CA THR C 106 -14.16 21.23 31.90
C THR C 106 -12.88 22.07 31.82
N VAL C 107 -12.76 23.03 32.73
CA VAL C 107 -11.53 23.86 32.87
C VAL C 107 -11.07 23.75 34.33
N GLU C 108 -9.91 23.11 34.54
CA GLU C 108 -9.37 22.84 35.91
C GLU C 108 -10.45 22.21 36.76
N GLY C 109 -11.23 21.29 36.19
CA GLY C 109 -12.25 20.50 36.89
C GLY C 109 -13.56 21.26 37.02
N HIS C 110 -13.65 22.54 36.62
CA HIS C 110 -14.94 23.29 36.66
C HIS C 110 -15.83 22.89 35.47
N ARG C 111 -17.05 22.41 35.75
CA ARG C 111 -18.08 22.13 34.73
C ARG C 111 -18.96 23.37 34.60
N PHE C 112 -19.13 23.89 33.39
CA PHE C 112 -19.97 25.07 33.11
C PHE C 112 -21.43 24.62 32.93
N PRO C 113 -22.38 25.56 33.07
CA PRO C 113 -23.80 25.22 32.93
C PRO C 113 -24.08 24.44 31.64
N ALA C 114 -23.53 24.89 30.49
CA ALA C 114 -23.83 24.26 29.19
C ALA C 114 -22.72 24.52 28.18
N GLU C 115 -22.83 23.89 27.02
CA GLU C 115 -21.80 24.00 25.97
C GLU C 115 -22.49 23.94 24.61
N ILE C 116 -22.04 24.76 23.67
CA ILE C 116 -22.53 24.67 22.27
C ILE C 116 -21.41 24.06 21.41
N HIS C 117 -21.81 23.23 20.46
CA HIS C 117 -20.92 22.53 19.51
C HIS C 117 -21.40 22.85 18.11
N VAL C 118 -20.55 23.50 17.33
CA VAL C 118 -20.80 23.72 15.88
C VAL C 118 -19.90 22.75 15.12
N VAL C 119 -20.50 21.78 14.45
CA VAL C 119 -19.81 20.66 13.78
C VAL C 119 -19.60 21.00 12.33
N HIS C 120 -18.37 20.85 11.86
CA HIS C 120 -17.95 21.18 10.50
C HIS C 120 -17.31 19.98 9.82
N LEU C 121 -17.43 19.95 8.49
CA LEU C 121 -16.80 18.99 7.56
C LEU C 121 -15.69 19.69 6.79
N SER C 122 -14.51 19.06 6.73
CA SER C 122 -13.36 19.51 5.92
C SER C 122 -13.78 19.56 4.44
N THR C 123 -13.38 20.61 3.71
CA THR C 123 -13.76 20.79 2.28
C THR C 123 -13.09 19.67 1.49
N ALA C 124 -11.80 18.91 2.26
CA ALA C 124 -11.18 17.90 1.41
C ALA C 124 -12.08 16.67 1.30
N PHE C 125 -13.19 16.62 2.04
CA PHE C 125 -14.10 15.45 2.08
C PHE C 125 -15.52 15.86 1.64
N ALA C 126 -16.17 15.07 0.76
CA ALA C 126 -17.53 15.32 0.22
C ALA C 126 -18.57 14.80 1.20
N ARG C 127 -18.24 13.78 1.96
CA ARG C 127 -19.18 13.13 2.90
C ARG C 127 -18.58 13.09 4.31
N VAL C 128 -19.47 13.13 5.30
CA VAL C 128 -19.18 12.94 6.74
C VAL C 128 -18.59 11.54 6.91
N ASP C 129 -19.13 10.54 6.22
CA ASP C 129 -18.74 9.13 6.44
C ASP C 129 -17.30 8.90 5.94
N GLU C 130 -16.82 9.62 4.94
CA GLU C 130 -15.40 9.56 4.50
C GLU C 130 -14.52 10.25 5.55
N ALA C 131 -15.03 11.26 6.22
CA ALA C 131 -14.25 12.09 7.17
C ALA C 131 -14.12 11.40 8.54
N LEU C 132 -15.10 10.56 8.92
CA LEU C 132 -15.08 9.91 10.26
C LEU C 132 -13.80 9.10 10.38
N GLY C 133 -13.00 9.35 11.43
CA GLY C 133 -11.77 8.59 11.72
C GLY C 133 -10.59 9.13 10.93
N ARG C 134 -10.77 10.13 10.08
CA ARG C 134 -9.62 10.70 9.33
C ARG C 134 -9.17 11.97 10.06
N PRO C 135 -7.84 12.22 10.15
CA PRO C 135 -7.36 13.35 10.94
C PRO C 135 -7.81 14.67 10.29
N GLY C 136 -8.44 15.51 11.09
CA GLY C 136 -8.98 16.81 10.64
C GLY C 136 -10.21 16.66 9.72
N GLY C 137 -10.76 15.47 9.54
CA GLY C 137 -11.95 15.32 8.67
C GLY C 137 -13.09 16.16 9.19
N LEU C 138 -13.36 16.08 10.50
CA LEU C 138 -14.33 16.93 11.23
C LEU C 138 -13.61 17.88 12.17
N ALA C 139 -14.17 19.06 12.33
CA ALA C 139 -13.74 20.11 13.27
C ALA C 139 -14.98 20.59 14.00
N VAL C 140 -14.89 20.66 15.32
CA VAL C 140 -15.96 21.25 16.17
C VAL C 140 -15.51 22.56 16.80
N LEU C 141 -16.35 23.62 16.72
CA LEU C 141 -16.17 24.85 17.55
C LEU C 141 -17.02 24.68 18.79
N ALA C 142 -16.41 24.76 19.97
CA ALA C 142 -17.07 24.58 21.28
C ALA C 142 -16.96 25.86 22.09
N ALA C 143 -18.04 26.24 22.74
CA ALA C 143 -18.08 27.43 23.63
C ALA C 143 -18.87 27.07 24.89
N PHE C 144 -18.39 27.50 26.04
CA PHE C 144 -19.11 27.33 27.32
C PHE C 144 -20.21 28.39 27.39
N LEU C 145 -21.39 27.98 27.85
CA LEU C 145 -22.49 28.88 28.26
C LEU C 145 -22.48 29.00 29.78
N GLU C 146 -22.53 30.22 30.29
CA GLU C 146 -22.53 30.56 31.74
C GLU C 146 -23.75 31.41 32.07
N GLU C 147 -24.00 31.62 33.36
CA GLU C 147 -25.12 32.46 33.86
C GLU C 147 -24.66 33.92 33.90
N GLY C 148 -25.47 34.78 33.30
CA GLY C 148 -25.29 36.23 33.39
C GLY C 148 -26.61 36.92 33.73
N PRO C 149 -26.58 38.23 34.03
CA PRO C 149 -27.80 38.93 34.44
C PRO C 149 -28.79 39.13 33.29
N GLU C 150 -28.31 39.39 32.07
CA GLU C 150 -29.13 39.75 30.88
C GLU C 150 -29.64 38.49 30.16
N GLU C 151 -30.84 38.57 29.60
CA GLU C 151 -31.39 37.60 28.63
C GLU C 151 -30.56 37.69 27.34
N ASN C 152 -30.17 36.54 26.77
CA ASN C 152 -29.33 36.48 25.55
C ASN C 152 -30.26 36.43 24.34
N SER C 153 -30.20 37.45 23.49
CA SER C 153 -31.06 37.58 22.28
C SER C 153 -30.82 36.41 21.33
N ALA C 154 -29.54 36.11 21.05
CA ALA C 154 -29.16 35.07 20.09
C ALA C 154 -29.79 33.75 20.54
N TYR C 155 -29.61 33.37 21.81
CA TYR C 155 -30.02 32.02 22.31
C TYR C 155 -31.55 31.95 22.42
N GLU C 156 -32.20 33.08 22.69
CA GLU C 156 -33.69 33.16 22.80
C GLU C 156 -34.36 32.64 21.52
N GLN C 157 -33.77 32.89 20.34
CA GLN C 157 -34.35 32.37 19.08
C GLN C 157 -34.50 30.84 19.10
N LEU C 158 -33.60 30.15 19.80
CA LEU C 158 -33.62 28.67 19.89
C LEU C 158 -34.43 28.20 21.11
N LEU C 159 -34.21 28.83 22.27
CA LEU C 159 -34.81 28.37 23.57
C LEU C 159 -36.33 28.57 23.52
N SER C 160 -36.81 29.68 22.93
CA SER C 160 -38.25 30.01 22.80
C SER C 160 -38.97 28.96 21.95
N ARG C 161 -38.26 28.06 21.25
CA ARG C 161 -38.87 27.07 20.32
C ARG C 161 -38.80 25.63 20.82
N LEU C 162 -38.25 25.40 22.02
CA LEU C 162 -38.04 24.02 22.54
C LEU C 162 -39.35 23.37 22.98
N GLU C 163 -40.31 24.12 23.53
CA GLU C 163 -41.62 23.55 23.98
C GLU C 163 -42.29 22.87 22.78
N GLU C 164 -42.17 23.46 21.60
CA GLU C 164 -42.70 22.86 20.33
C GLU C 164 -42.09 21.49 20.06
N ILE C 165 -40.89 21.19 20.55
CA ILE C 165 -40.21 19.91 20.19
C ILE C 165 -39.88 19.12 21.46
N ALA C 166 -40.67 19.27 22.53
CA ALA C 166 -40.40 18.63 23.85
C ALA C 166 -40.31 17.10 23.70
N GLU C 167 -41.04 16.52 22.76
CA GLU C 167 -41.15 15.05 22.57
C GLU C 167 -39.93 14.54 21.80
N GLU C 168 -39.28 13.49 22.32
CA GLU C 168 -38.22 12.72 21.59
C GLU C 168 -38.65 12.57 20.12
N GLY C 169 -37.81 13.00 19.18
CA GLY C 169 -38.02 12.74 17.75
C GLY C 169 -38.77 13.85 17.05
N SER C 170 -39.35 14.79 17.81
CA SER C 170 -40.15 15.90 17.24
C SER C 170 -39.18 16.94 16.64
N GLU C 171 -39.69 17.68 15.67
CA GLU C 171 -38.92 18.72 14.97
C GLU C 171 -39.87 19.86 14.59
N THR C 172 -39.31 21.03 14.32
CA THR C 172 -39.99 22.26 13.90
C THR C 172 -39.04 22.99 12.95
N GLN C 173 -39.50 24.05 12.30
CA GLN C 173 -38.69 24.90 11.40
C GLN C 173 -38.59 26.26 12.07
N VAL C 174 -37.40 26.87 12.10
CA VAL C 174 -37.17 28.18 12.79
C VAL C 174 -36.64 29.13 11.74
N PRO C 175 -36.90 30.46 11.90
CA PRO C 175 -36.27 31.44 11.04
C PRO C 175 -34.75 31.34 11.10
N GLY C 176 -34.11 31.63 9.97
CA GLY C 176 -32.68 31.92 9.86
C GLY C 176 -32.27 32.90 10.94
N LEU C 177 -31.07 32.71 11.47
CA LEU C 177 -30.49 33.57 12.55
C LEU C 177 -28.98 33.71 12.29
N ASP C 178 -28.37 34.69 12.95
CA ASP C 178 -26.92 34.90 12.89
C ASP C 178 -26.24 33.85 13.80
N ILE C 179 -25.73 32.77 13.23
CA ILE C 179 -25.11 31.64 14.00
C ILE C 179 -23.89 32.19 14.75
N SER C 180 -23.15 33.11 14.13
CA SER C 180 -21.92 33.71 14.71
C SER C 180 -22.24 34.47 16.01
N ALA C 181 -23.46 34.94 16.18
CA ALA C 181 -23.90 35.64 17.41
C ALA C 181 -24.05 34.67 18.60
N LEU C 182 -24.11 33.35 18.37
CA LEU C 182 -24.16 32.34 19.46
C LEU C 182 -22.78 32.10 20.08
N LEU C 183 -21.74 32.74 19.55
CA LEU C 183 -20.33 32.43 19.89
C LEU C 183 -19.69 33.60 20.62
N PRO C 184 -18.58 33.34 21.37
CA PRO C 184 -17.93 34.38 22.15
C PRO C 184 -17.34 35.53 21.31
N SER C 185 -16.86 36.52 22.03
CA SER C 185 -16.35 37.82 21.56
C SER C 185 -15.05 37.65 20.77
N ASP C 186 -14.04 36.95 21.30
CA ASP C 186 -12.66 37.01 20.75
C ASP C 186 -12.33 35.71 19.99
N PHE C 187 -12.32 35.76 18.67
CA PHE C 187 -12.03 34.62 17.77
C PHE C 187 -10.53 34.31 17.73
N SER C 188 -9.69 35.05 18.47
CA SER C 188 -8.21 34.87 18.49
C SER C 188 -7.76 34.08 19.73
N ARG C 189 -8.69 33.74 20.61
CA ARG C 189 -8.40 33.19 21.95
C ARG C 189 -9.14 31.87 22.08
N TYR C 190 -8.41 30.78 21.91
CA TYR C 190 -8.97 29.42 22.00
C TYR C 190 -7.89 28.41 22.40
N PHE C 191 -8.39 27.27 22.84
CA PHE C 191 -7.66 26.01 23.02
C PHE C 191 -7.99 25.08 21.85
N GLN C 192 -7.05 24.21 21.50
CA GLN C 192 -7.23 23.28 20.35
C GLN C 192 -6.50 21.97 20.61
N TYR C 193 -7.15 20.87 20.26
CA TYR C 193 -6.59 19.51 20.42
C TYR C 193 -7.38 18.60 19.47
N GLU C 194 -6.83 17.42 19.29
CA GLU C 194 -7.42 16.35 18.48
C GLU C 194 -8.01 15.27 19.39
N GLY C 195 -9.28 14.93 19.15
CA GLY C 195 -10.04 13.93 19.91
C GLY C 195 -11.09 13.25 19.04
N SER C 196 -12.27 13.07 19.61
CA SER C 196 -13.30 12.12 19.12
C SER C 196 -14.67 12.79 19.16
N LEU C 197 -15.63 12.21 18.45
CA LEU C 197 -17.07 12.44 18.77
C LEU C 197 -17.28 12.03 20.24
N THR C 198 -18.13 12.76 20.96
CA THR C 198 -18.45 12.46 22.38
C THR C 198 -19.61 11.47 22.50
N THR C 199 -20.17 11.00 21.40
CA THR C 199 -21.18 9.91 21.42
C THR C 199 -20.71 8.83 20.45
N PRO C 200 -21.18 7.59 20.58
CA PRO C 200 -21.04 6.58 19.52
C PRO C 200 -21.28 7.22 18.16
N PRO C 201 -20.48 6.92 17.11
CA PRO C 201 -19.42 5.93 17.16
C PRO C 201 -18.01 6.32 17.70
N CYS C 202 -17.89 7.48 18.35
CA CYS C 202 -16.69 7.90 19.10
C CYS C 202 -15.49 7.99 18.15
N ALA C 203 -15.73 8.36 16.89
CA ALA C 203 -14.66 8.40 15.87
C ALA C 203 -13.59 9.41 16.32
N GLN C 204 -12.33 9.07 16.13
CA GLN C 204 -11.11 9.91 16.37
C GLN C 204 -10.78 10.75 15.14
N GLY C 205 -9.83 11.69 15.31
CA GLY C 205 -9.35 12.60 14.25
C GLY C 205 -10.18 13.88 14.17
N VAL C 206 -11.06 14.12 15.15
CA VAL C 206 -11.86 15.37 15.27
C VAL C 206 -10.98 16.47 15.86
N ILE C 207 -10.86 17.61 15.17
CA ILE C 207 -10.17 18.79 15.76
C ILE C 207 -11.17 19.60 16.58
N TRP C 208 -10.95 19.62 17.90
CA TRP C 208 -11.72 20.43 18.85
C TRP C 208 -11.04 21.78 19.05
N THR C 209 -11.79 22.86 18.86
CA THR C 209 -11.40 24.25 19.21
C THR C 209 -12.39 24.75 20.27
N VAL C 210 -11.88 25.02 21.49
CA VAL C 210 -12.70 25.49 22.63
C VAL C 210 -12.33 26.94 22.88
N PHE C 211 -13.29 27.84 22.68
CA PHE C 211 -13.12 29.27 22.94
C PHE C 211 -12.67 29.45 24.39
N GLN C 212 -11.74 30.35 24.59
CA GLN C 212 -11.36 30.77 25.96
C GLN C 212 -12.50 31.52 26.64
N GLN C 213 -13.16 32.46 25.97
CA GLN C 213 -14.25 33.23 26.60
C GLN C 213 -15.58 32.49 26.51
N THR C 214 -16.47 32.80 27.43
CA THR C 214 -17.80 32.16 27.51
C THR C 214 -18.83 33.09 26.91
N VAL C 215 -20.03 32.56 26.68
CA VAL C 215 -21.22 33.38 26.40
C VAL C 215 -22.14 33.20 27.61
N MET C 216 -23.00 34.18 27.81
CA MET C 216 -23.87 34.31 29.02
C MET C 216 -25.34 34.21 28.62
N LEU C 217 -26.07 33.34 29.29
CA LEU C 217 -27.54 33.23 29.25
C LEU C 217 -28.04 33.60 30.67
N SER C 218 -29.29 34.08 30.78
CA SER C 218 -30.03 34.28 32.06
C SER C 218 -30.29 32.93 32.74
N ALA C 219 -30.50 32.91 34.06
CA ALA C 219 -30.89 31.67 34.79
C ALA C 219 -32.12 31.05 34.13
N LYS C 220 -33.06 31.90 33.70
CA LYS C 220 -34.36 31.45 33.09
C LYS C 220 -34.07 30.70 31.78
N GLN C 221 -33.21 31.28 30.93
CA GLN C 221 -32.76 30.65 29.67
C GLN C 221 -32.12 29.28 30.01
N LEU C 222 -31.24 29.23 30.99
CA LEU C 222 -30.56 27.94 31.31
C LEU C 222 -31.60 26.96 31.85
N HIS C 223 -32.54 27.42 32.65
CA HIS C 223 -33.67 26.57 33.13
C HIS C 223 -34.49 26.09 31.91
N THR C 224 -34.81 26.99 30.99
CA THR C 224 -35.57 26.63 29.79
C THR C 224 -34.81 25.50 29.07
N LEU C 225 -33.49 25.64 28.89
CA LEU C 225 -32.67 24.64 28.15
C LEU C 225 -32.78 23.24 28.80
N SER C 226 -32.70 23.18 30.14
CA SER C 226 -32.54 21.90 30.90
C SER C 226 -33.88 21.25 31.26
N ASP C 227 -35.00 21.99 31.20
CA ASP C 227 -36.30 21.55 31.79
C ASP C 227 -37.37 21.28 30.73
N THR C 228 -37.12 21.55 29.45
CA THR C 228 -38.18 21.49 28.42
C THR C 228 -38.20 20.15 27.66
N LEU C 229 -37.06 19.51 27.41
CA LEU C 229 -37.01 18.42 26.40
C LEU C 229 -37.07 17.05 27.10
N TRP C 230 -37.67 16.07 26.42
CA TRP C 230 -37.86 14.66 26.90
C TRP C 230 -37.03 13.74 26.01
N GLY C 231 -36.36 12.76 26.65
CA GLY C 231 -35.42 11.81 26.02
C GLY C 231 -36.04 10.42 25.89
N PRO C 232 -35.28 9.32 25.94
CA PRO C 232 -35.85 7.93 25.87
C PRO C 232 -36.34 7.35 27.22
N GLY C 233 -37.06 6.22 27.25
CA GLY C 233 -38.06 5.90 28.29
C GLY C 233 -39.07 7.03 28.36
N ASP C 234 -39.32 7.56 29.57
CA ASP C 234 -40.23 8.72 29.77
C ASP C 234 -39.52 9.64 30.75
N SER C 235 -38.25 9.82 30.43
CA SER C 235 -37.12 10.51 31.12
C SER C 235 -36.89 11.90 30.53
N ARG C 236 -36.38 12.83 31.34
CA ARG C 236 -36.00 14.21 30.91
C ARG C 236 -34.71 14.13 30.07
N LEU C 237 -34.63 14.87 28.96
CA LEU C 237 -33.34 15.07 28.24
C LEU C 237 -32.50 16.08 29.04
N GLN C 238 -31.64 15.57 29.92
CA GLN C 238 -30.75 16.34 30.83
C GLN C 238 -29.40 15.64 31.01
N LEU C 239 -28.40 16.36 31.56
CA LEU C 239 -27.04 15.82 31.80
C LEU C 239 -26.59 15.01 30.56
N ASN C 240 -26.76 15.59 29.37
CA ASN C 240 -26.45 14.91 28.08
C ASN C 240 -24.96 15.16 27.74
N PHE C 241 -24.07 14.81 28.68
CA PHE C 241 -22.59 15.00 28.53
C PHE C 241 -21.89 13.70 28.85
N ARG C 242 -20.73 13.51 28.22
CA ARG C 242 -19.87 12.33 28.50
C ARG C 242 -18.89 12.71 29.61
N ALA C 243 -18.46 11.73 30.40
CA ALA C 243 -17.35 11.85 31.34
C ALA C 243 -16.07 12.27 30.61
N THR C 244 -15.25 13.02 31.35
CA THR C 244 -13.92 13.55 31.00
C THR C 244 -13.03 12.36 30.63
N GLN C 245 -12.33 12.43 29.50
CA GLN C 245 -11.41 11.37 29.05
C GLN C 245 -9.98 11.84 29.25
N PRO C 246 -9.04 10.91 29.50
CA PRO C 246 -7.62 11.26 29.61
C PRO C 246 -6.95 11.69 28.30
N LEU C 247 -5.99 12.60 28.42
CA LEU C 247 -5.22 13.15 27.29
C LEU C 247 -4.33 12.08 26.69
N ASN C 248 -3.83 11.14 27.48
CA ASN C 248 -2.92 10.09 26.98
C ASN C 248 -1.74 10.70 26.20
N GLY C 249 -1.13 11.75 26.75
CA GLY C 249 0.06 12.34 26.14
C GLY C 249 -0.26 13.47 25.17
N ARG C 250 -1.52 13.63 24.77
CA ARG C 250 -1.90 14.77 23.89
C ARG C 250 -1.64 16.07 24.66
N VAL C 251 -1.10 17.09 24.01
CA VAL C 251 -0.90 18.42 24.62
C VAL C 251 -1.93 19.37 24.03
N ILE C 252 -2.75 19.98 24.87
CA ILE C 252 -3.71 21.01 24.40
C ILE C 252 -2.89 22.26 24.05
N GLU C 253 -3.15 22.80 22.88
CA GLU C 253 -2.53 24.04 22.41
C GLU C 253 -3.45 25.22 22.77
N ALA C 254 -2.83 26.38 22.89
CA ALA C 254 -3.49 27.67 23.19
C ALA C 254 -2.99 28.68 22.17
N SER C 255 -3.88 29.56 21.71
CA SER C 255 -3.60 30.59 20.70
C SER C 255 -3.08 31.88 21.36
N PHE C 256 -2.89 31.90 22.68
CA PHE C 256 -2.53 33.11 23.44
C PHE C 256 -1.55 32.71 24.53
N PRO C 257 -0.63 33.61 24.94
CA PRO C 257 0.40 33.30 25.92
C PRO C 257 -0.21 33.16 27.31
N TRP D 7 -18.44 2.39 -15.02
CA TRP D 7 -18.83 0.98 -15.46
C TRP D 7 -19.91 0.41 -14.51
N ARG D 8 -20.63 -0.65 -14.92
CA ARG D 8 -21.80 -1.21 -14.19
C ARG D 8 -22.01 -2.69 -14.59
N TYR D 9 -22.81 -3.44 -13.82
CA TYR D 9 -23.22 -4.85 -14.12
C TYR D 9 -24.50 -4.86 -14.96
N GLY D 10 -24.45 -5.46 -16.16
CA GLY D 10 -25.59 -5.60 -17.09
C GLY D 10 -26.11 -4.26 -17.58
N GLY D 11 -25.21 -3.34 -17.97
CA GLY D 11 -25.53 -1.97 -18.43
C GLY D 11 -24.29 -1.10 -18.57
N ASP D 12 -24.07 -0.54 -19.77
CA ASP D 12 -22.84 0.15 -20.27
C ASP D 12 -22.35 1.22 -19.29
N PRO D 13 -21.05 1.51 -19.49
CA PRO D 13 -20.36 1.38 -20.84
C PRO D 13 -19.67 0.11 -21.42
N PRO D 14 -19.57 -0.64 -22.80
CA PRO D 14 -18.86 -1.94 -22.76
C PRO D 14 -17.58 -1.91 -21.91
N TRP D 15 -17.25 -3.05 -21.27
CA TRP D 15 -16.09 -3.24 -20.35
C TRP D 15 -14.76 -3.12 -21.10
N PRO D 16 -14.63 -3.66 -22.34
CA PRO D 16 -13.45 -3.42 -23.20
C PRO D 16 -13.17 -1.95 -23.57
N ARG D 17 -14.22 -1.12 -23.74
CA ARG D 17 -14.11 0.36 -23.92
C ARG D 17 -13.43 0.98 -22.68
N VAL D 18 -13.66 0.43 -21.48
CA VAL D 18 -13.09 0.88 -20.18
C VAL D 18 -11.63 0.40 -20.05
N SER D 19 -11.39 -0.92 -20.05
CA SER D 19 -10.03 -1.55 -20.01
C SER D 19 -9.92 -2.63 -21.10
N PRO D 20 -8.96 -2.49 -22.05
CA PRO D 20 -8.65 -3.52 -23.04
C PRO D 20 -8.42 -4.92 -22.45
N ALA D 21 -7.82 -4.99 -21.25
CA ALA D 21 -7.56 -6.25 -20.54
C ALA D 21 -8.86 -7.04 -20.29
N CYS D 22 -10.05 -6.39 -20.28
CA CYS D 22 -11.37 -7.08 -20.07
C CYS D 22 -11.71 -7.94 -21.31
N ALA D 23 -10.91 -7.82 -22.37
CA ALA D 23 -11.01 -8.59 -23.62
C ALA D 23 -9.88 -9.63 -23.72
N GLY D 24 -9.16 -9.91 -22.62
CA GLY D 24 -8.09 -10.92 -22.62
C GLY D 24 -8.62 -12.36 -22.78
N ARG D 25 -7.75 -13.30 -23.14
CA ARG D 25 -8.13 -14.69 -23.42
C ARG D 25 -8.32 -15.43 -22.10
N PHE D 26 -7.70 -14.97 -21.01
CA PHE D 26 -7.56 -15.77 -19.76
C PHE D 26 -8.18 -15.02 -18.59
N GLN D 27 -9.51 -14.91 -18.63
CA GLN D 27 -10.32 -14.11 -17.68
C GLN D 27 -10.93 -14.98 -16.58
N SER D 28 -11.48 -14.34 -15.55
CA SER D 28 -12.21 -14.98 -14.43
C SER D 28 -13.57 -14.31 -14.37
N PRO D 29 -14.59 -14.89 -13.70
CA PRO D 29 -14.50 -16.22 -13.12
C PRO D 29 -14.70 -17.30 -14.19
N VAL D 30 -14.58 -18.55 -13.75
CA VAL D 30 -14.66 -19.73 -14.67
C VAL D 30 -15.59 -20.74 -14.03
N ASP D 31 -16.04 -21.70 -14.84
CA ASP D 31 -16.79 -22.90 -14.40
C ASP D 31 -15.77 -23.97 -14.05
N ILE D 32 -15.72 -24.37 -12.79
CA ILE D 32 -14.80 -25.44 -12.31
C ILE D 32 -15.47 -26.80 -12.57
N ARG D 33 -14.81 -27.68 -13.34
CA ARG D 33 -15.28 -29.06 -13.62
C ARG D 33 -14.32 -30.01 -12.94
N PRO D 34 -14.64 -30.45 -11.70
CA PRO D 34 -13.68 -31.22 -10.90
C PRO D 34 -13.10 -32.44 -11.63
N GLN D 35 -13.87 -33.01 -12.57
CA GLN D 35 -13.50 -34.17 -13.41
C GLN D 35 -12.23 -33.82 -14.19
N LEU D 36 -12.18 -32.63 -14.81
CA LEU D 36 -11.09 -32.17 -15.73
C LEU D 36 -9.94 -31.49 -14.99
N ALA D 37 -9.97 -31.47 -13.66
CA ALA D 37 -8.97 -30.76 -12.84
C ALA D 37 -7.77 -31.70 -12.67
N ALA D 38 -6.56 -31.14 -12.69
CA ALA D 38 -5.32 -31.90 -12.55
C ALA D 38 -4.97 -31.94 -11.07
N PHE D 39 -4.95 -33.13 -10.48
CA PHE D 39 -4.43 -33.34 -9.10
C PHE D 39 -2.95 -32.96 -9.11
N SER D 40 -2.52 -31.97 -8.32
CA SER D 40 -1.06 -31.73 -8.11
C SER D 40 -0.68 -31.79 -6.64
N PRO D 41 0.04 -32.85 -6.24
CA PRO D 41 0.45 -33.00 -4.85
C PRO D 41 1.38 -31.88 -4.36
N ALA D 42 1.92 -31.05 -5.26
CA ALA D 42 2.73 -29.87 -4.86
C ALA D 42 1.90 -28.82 -4.11
N LEU D 43 0.59 -28.80 -4.34
CA LEU D 43 -0.32 -27.82 -3.68
C LEU D 43 -0.51 -28.19 -2.21
N ARG D 44 0.18 -27.48 -1.33
CA ARG D 44 0.17 -27.69 0.15
C ARG D 44 -0.95 -26.86 0.80
N PRO D 45 -1.30 -27.13 2.08
CA PRO D 45 -2.31 -26.32 2.75
C PRO D 45 -1.89 -24.84 2.77
N LEU D 46 -2.84 -23.94 2.52
CA LEU D 46 -2.67 -22.47 2.63
C LEU D 46 -2.35 -22.11 4.08
N GLU D 47 -1.52 -21.09 4.28
CA GLU D 47 -1.12 -20.62 5.62
C GLU D 47 -1.46 -19.13 5.72
N LEU D 48 -2.23 -18.75 6.74
CA LEU D 48 -2.57 -17.34 7.06
C LEU D 48 -1.94 -16.98 8.41
N LEU D 49 -1.32 -15.81 8.51
CA LEU D 49 -0.84 -15.20 9.77
C LEU D 49 -1.44 -13.81 9.89
N GLY D 50 -1.89 -13.43 11.09
CA GLY D 50 -2.29 -12.04 11.42
C GLY D 50 -3.76 -11.81 11.12
N PHE D 51 -4.52 -12.85 10.80
CA PHE D 51 -5.95 -12.69 10.40
C PHE D 51 -6.88 -12.57 11.62
N GLN D 52 -6.42 -12.92 12.81
CA GLN D 52 -7.22 -12.81 14.07
C GLN D 52 -7.05 -11.38 14.61
N LEU D 53 -7.86 -10.45 14.11
CA LEU D 53 -7.68 -9.02 14.43
C LEU D 53 -8.37 -8.70 15.75
N PRO D 54 -7.80 -7.78 16.56
CA PRO D 54 -8.47 -7.28 17.75
C PRO D 54 -9.58 -6.30 17.34
N PRO D 55 -10.47 -5.90 18.26
CA PRO D 55 -11.53 -4.94 17.96
C PRO D 55 -11.05 -3.56 17.46
N LEU D 56 -9.94 -3.02 17.96
CA LEU D 56 -9.35 -1.74 17.46
C LEU D 56 -7.98 -2.04 16.91
N PRO D 57 -7.52 -1.31 15.86
CA PRO D 57 -8.30 -0.25 15.21
C PRO D 57 -9.47 -0.79 14.38
N GLU D 58 -10.50 0.03 14.20
CA GLU D 58 -11.66 -0.32 13.31
C GLU D 58 -11.25 -0.36 11.83
N LEU D 59 -12.05 -1.04 11.02
CA LEU D 59 -11.87 -1.34 9.56
C LEU D 59 -12.94 -0.57 8.80
N ARG D 60 -12.63 -0.02 7.63
CA ARG D 60 -13.67 0.61 6.79
C ARG D 60 -14.45 -0.44 6.00
N LEU D 61 -15.77 -0.37 6.04
CA LEU D 61 -16.71 -1.20 5.27
C LEU D 61 -17.51 -0.25 4.38
N ARG D 62 -17.40 -0.43 3.07
CA ARG D 62 -17.92 0.50 2.04
C ARG D 62 -18.87 -0.23 1.07
N ASN D 63 -20.01 0.41 0.80
CA ASN D 63 -20.87 0.17 -0.38
C ASN D 63 -20.27 0.96 -1.54
N ASN D 64 -19.48 0.32 -2.42
CA ASN D 64 -18.82 1.02 -3.56
C ASN D 64 -19.75 0.95 -4.78
N GLY D 65 -21.00 0.53 -4.62
CA GLY D 65 -22.00 0.50 -5.70
C GLY D 65 -21.93 -0.76 -6.54
N HIS D 66 -20.91 -1.60 -6.36
CA HIS D 66 -20.76 -2.89 -7.09
C HIS D 66 -20.53 -4.08 -6.13
N SER D 67 -20.18 -3.82 -4.88
CA SER D 67 -20.05 -4.84 -3.81
C SER D 67 -20.07 -4.14 -2.44
N VAL D 68 -20.01 -4.92 -1.38
CA VAL D 68 -19.59 -4.43 -0.03
C VAL D 68 -18.15 -4.90 0.18
N GLN D 69 -17.25 -3.94 0.36
CA GLN D 69 -15.80 -4.16 0.52
C GLN D 69 -15.32 -3.79 1.93
N LEU D 70 -14.58 -4.69 2.56
CA LEU D 70 -13.92 -4.44 3.85
C LEU D 70 -12.43 -4.24 3.58
N THR D 71 -11.91 -3.05 3.89
CA THR D 71 -10.46 -2.74 3.78
C THR D 71 -9.71 -3.42 4.94
N LEU D 72 -8.72 -4.22 4.61
CA LEU D 72 -7.97 -4.96 5.64
C LEU D 72 -6.71 -4.18 6.01
N PRO D 73 -6.26 -4.29 7.27
CA PRO D 73 -5.07 -3.56 7.71
C PRO D 73 -3.77 -4.23 7.30
N PRO D 74 -2.62 -3.55 7.49
CA PRO D 74 -1.33 -4.18 7.25
C PRO D 74 -1.18 -5.39 8.19
N GLY D 75 -0.02 -6.42 7.78
CA GLY D 75 0.08 -7.44 8.85
C GLY D 75 -0.62 -8.74 8.52
N LEU D 76 -1.47 -8.83 7.49
CA LEU D 76 -2.18 -10.09 7.17
C LEU D 76 -1.39 -10.83 6.08
N GLU D 77 -0.70 -11.89 6.45
CA GLU D 77 0.25 -12.59 5.53
C GLU D 77 -0.37 -13.89 5.11
N MET D 78 -0.23 -14.21 3.83
CA MET D 78 -0.80 -15.46 3.25
C MET D 78 0.27 -16.03 2.31
N ALA D 79 0.53 -17.32 2.44
CA ALA D 79 1.47 -18.09 1.60
C ALA D 79 0.68 -19.16 0.83
N LEU D 80 0.84 -19.21 -0.49
CA LEU D 80 0.25 -20.26 -1.35
C LEU D 80 1.17 -21.47 -1.28
N GLY D 81 2.37 -21.24 -0.79
CA GLY D 81 3.42 -22.27 -0.71
C GLY D 81 4.69 -21.63 -0.18
N PRO D 82 5.77 -22.67 -0.29
CA PRO D 82 7.08 -22.07 0.07
C PRO D 82 7.51 -21.03 -0.97
N GLY D 83 7.82 -19.82 -0.53
CA GLY D 83 8.29 -18.72 -1.39
C GLY D 83 7.19 -18.14 -2.27
N ARG D 84 5.90 -18.34 -1.96
CA ARG D 84 4.76 -17.71 -2.68
C ARG D 84 3.96 -16.90 -1.63
N GLU D 85 4.48 -15.73 -1.26
CA GLU D 85 4.05 -14.95 -0.07
C GLU D 85 3.27 -13.73 -0.53
N TYR D 86 2.13 -13.47 0.13
CA TYR D 86 1.17 -12.38 -0.21
C TYR D 86 0.79 -11.63 1.08
N ARG D 87 0.23 -10.44 0.94
CA ARG D 87 -0.39 -9.61 2.02
C ARG D 87 -1.84 -9.32 1.63
N ALA D 88 -2.78 -9.42 2.57
CA ALA D 88 -4.19 -9.17 2.27
C ALA D 88 -4.43 -7.67 2.12
N LEU D 89 -5.26 -7.27 1.16
CA LEU D 89 -5.65 -5.86 0.91
C LEU D 89 -7.07 -5.61 1.37
N GLN D 90 -7.99 -6.48 0.99
CA GLN D 90 -9.41 -6.17 1.15
C GLN D 90 -10.18 -7.47 0.97
N LEU D 91 -11.43 -7.50 1.42
CA LEU D 91 -12.35 -8.59 1.03
C LEU D 91 -13.68 -7.99 0.63
N HIS D 92 -14.41 -8.73 -0.19
CA HIS D 92 -15.70 -8.30 -0.75
C HIS D 92 -16.52 -9.54 -1.13
N LEU D 93 -17.77 -9.30 -1.48
CA LEU D 93 -18.80 -10.36 -1.61
C LEU D 93 -19.52 -10.19 -2.95
N HIS D 94 -19.91 -11.30 -3.53
CA HIS D 94 -20.77 -11.32 -4.74
C HIS D 94 -21.97 -12.17 -4.37
N TRP D 95 -23.16 -11.67 -4.71
CA TRP D 95 -24.44 -12.31 -4.35
C TRP D 95 -25.51 -12.11 -5.46
N GLY D 96 -26.65 -12.76 -5.26
CA GLY D 96 -27.77 -12.72 -6.22
C GLY D 96 -28.90 -11.79 -5.77
N ALA D 97 -30.05 -12.39 -5.46
CA ALA D 97 -31.39 -11.78 -5.32
C ALA D 97 -32.34 -12.89 -4.88
N ALA D 98 -33.59 -12.55 -4.56
CA ALA D 98 -34.59 -13.49 -4.02
C ALA D 98 -34.68 -14.71 -4.95
N GLY D 99 -34.36 -15.90 -4.44
CA GLY D 99 -34.42 -17.19 -5.17
C GLY D 99 -33.41 -17.35 -6.30
N ARG D 100 -32.47 -16.41 -6.51
CA ARG D 100 -31.47 -16.42 -7.63
C ARG D 100 -30.05 -16.44 -7.07
N PRO D 101 -29.21 -17.47 -7.35
CA PRO D 101 -27.87 -17.55 -6.79
C PRO D 101 -26.96 -16.51 -7.47
N GLY D 102 -25.82 -16.14 -6.84
CA GLY D 102 -25.03 -14.98 -7.28
C GLY D 102 -23.51 -15.16 -7.15
N SER D 103 -23.02 -16.38 -6.91
CA SER D 103 -21.57 -16.68 -6.89
C SER D 103 -20.99 -16.33 -8.25
N GLU D 104 -19.68 -16.07 -8.31
CA GLU D 104 -19.00 -15.75 -9.60
C GLU D 104 -18.51 -17.05 -10.26
N HIS D 105 -17.75 -17.86 -9.54
CA HIS D 105 -17.34 -19.19 -10.01
C HIS D 105 -18.59 -20.06 -10.00
N THR D 106 -18.58 -21.13 -10.79
CA THR D 106 -19.61 -22.18 -10.77
C THR D 106 -18.88 -23.51 -10.72
N VAL D 107 -19.50 -24.55 -10.16
CA VAL D 107 -18.98 -25.95 -10.18
C VAL D 107 -19.96 -26.79 -11.03
N GLU D 108 -19.46 -27.35 -12.14
CA GLU D 108 -20.25 -28.21 -13.07
C GLU D 108 -21.54 -27.48 -13.37
N GLY D 109 -21.48 -26.16 -13.55
CA GLY D 109 -22.60 -25.31 -14.01
C GLY D 109 -23.43 -24.77 -12.86
N HIS D 110 -23.26 -25.31 -11.66
CA HIS D 110 -23.98 -24.92 -10.42
C HIS D 110 -23.45 -23.56 -9.89
N ARG D 111 -24.31 -22.54 -9.86
CA ARG D 111 -24.09 -21.24 -9.20
C ARG D 111 -24.56 -21.33 -7.74
N PHE D 112 -23.69 -20.96 -6.80
CA PHE D 112 -23.98 -20.93 -5.35
C PHE D 112 -24.57 -19.57 -5.01
N PRO D 113 -25.25 -19.46 -3.83
CA PRO D 113 -25.98 -18.25 -3.48
C PRO D 113 -25.11 -16.97 -3.44
N ALA D 114 -23.91 -17.08 -2.86
CA ALA D 114 -22.96 -15.93 -2.77
C ALA D 114 -21.50 -16.43 -2.73
N GLU D 115 -20.54 -15.49 -2.80
CA GLU D 115 -19.09 -15.83 -2.84
C GLU D 115 -18.33 -14.71 -2.14
N ILE D 116 -17.32 -15.05 -1.35
CA ILE D 116 -16.36 -14.09 -0.73
C ILE D 116 -15.02 -14.17 -1.47
N HIS D 117 -14.46 -13.01 -1.76
CA HIS D 117 -13.11 -12.80 -2.28
C HIS D 117 -12.24 -12.07 -1.26
N VAL D 118 -11.09 -12.65 -0.91
CA VAL D 118 -10.00 -12.00 -0.15
C VAL D 118 -8.84 -11.73 -1.11
N VAL D 119 -8.65 -10.47 -1.48
CA VAL D 119 -7.66 -10.04 -2.50
C VAL D 119 -6.32 -9.73 -1.83
N HIS D 120 -5.24 -10.26 -2.39
CA HIS D 120 -3.88 -10.21 -1.80
C HIS D 120 -2.88 -9.68 -2.84
N LEU D 121 -1.83 -9.00 -2.37
CA LEU D 121 -0.73 -8.45 -3.20
C LEU D 121 0.52 -9.27 -2.94
N SER D 122 1.24 -9.66 -3.98
CA SER D 122 2.53 -10.34 -3.77
C SER D 122 3.46 -9.39 -3.00
N THR D 123 4.28 -9.94 -2.09
CA THR D 123 5.25 -9.20 -1.22
C THR D 123 6.53 -8.85 -1.98
N ALA D 124 6.40 -9.14 -3.62
CA ALA D 124 7.45 -8.60 -4.50
C ALA D 124 7.07 -7.18 -4.94
N PHE D 125 5.83 -6.75 -4.70
CA PHE D 125 5.31 -5.44 -5.18
C PHE D 125 4.85 -4.60 -3.99
N ALA D 126 5.05 -3.29 -4.09
CA ALA D 126 4.67 -2.31 -3.04
C ALA D 126 3.23 -1.88 -3.28
N ARG D 127 2.76 -1.94 -4.53
CA ARG D 127 1.48 -1.34 -4.95
C ARG D 127 0.75 -2.22 -5.97
N VAL D 128 -0.57 -2.17 -5.93
CA VAL D 128 -1.44 -2.88 -6.89
C VAL D 128 -1.04 -2.50 -8.32
N ASP D 129 -0.83 -1.22 -8.62
CA ASP D 129 -0.58 -0.77 -10.03
C ASP D 129 0.67 -1.44 -10.59
N GLU D 130 1.68 -1.77 -9.78
CA GLU D 130 2.88 -2.48 -10.27
C GLU D 130 2.56 -3.98 -10.49
N ALA D 131 1.63 -4.55 -9.73
CA ALA D 131 1.36 -6.01 -9.75
C ALA D 131 0.41 -6.38 -10.91
N LEU D 132 -0.38 -5.43 -11.40
CA LEU D 132 -1.46 -5.66 -12.38
C LEU D 132 -0.84 -6.26 -13.65
N GLY D 133 -1.33 -7.40 -14.12
CA GLY D 133 -0.84 -8.02 -15.37
C GLY D 133 0.47 -8.77 -15.15
N ARG D 134 1.10 -8.67 -13.97
CA ARG D 134 2.39 -9.38 -13.72
C ARG D 134 2.07 -10.77 -13.19
N PRO D 135 2.85 -11.81 -13.56
CA PRO D 135 2.56 -13.18 -13.16
C PRO D 135 2.59 -13.33 -11.63
N GLY D 136 1.46 -13.75 -11.05
CA GLY D 136 1.32 -14.00 -9.61
C GLY D 136 1.36 -12.73 -8.78
N GLY D 137 1.19 -11.56 -9.40
CA GLY D 137 1.22 -10.25 -8.74
C GLY D 137 0.11 -10.10 -7.71
N LEU D 138 -1.07 -10.62 -8.03
CA LEU D 138 -2.25 -10.64 -7.13
C LEU D 138 -2.72 -12.08 -6.95
N ALA D 139 -3.25 -12.37 -5.77
CA ALA D 139 -3.85 -13.67 -5.44
C ALA D 139 -5.17 -13.40 -4.74
N VAL D 140 -6.21 -14.11 -5.16
CA VAL D 140 -7.56 -14.03 -4.54
C VAL D 140 -7.89 -15.38 -3.89
N LEU D 141 -8.26 -15.37 -2.62
CA LEU D 141 -8.87 -16.57 -1.97
C LEU D 141 -10.38 -16.45 -2.13
N ALA D 142 -11.01 -17.48 -2.66
CA ALA D 142 -12.47 -17.47 -2.95
C ALA D 142 -13.14 -18.65 -2.24
N ALA D 143 -14.29 -18.40 -1.63
CA ALA D 143 -15.12 -19.44 -0.97
C ALA D 143 -16.60 -19.19 -1.30
N PHE D 144 -17.31 -20.26 -1.55
CA PHE D 144 -18.76 -20.18 -1.83
C PHE D 144 -19.45 -20.05 -0.47
N LEU D 145 -20.52 -19.28 -0.44
CA LEU D 145 -21.46 -19.24 0.70
C LEU D 145 -22.74 -19.95 0.26
N GLU D 146 -23.24 -20.86 1.10
CA GLU D 146 -24.43 -21.72 0.90
C GLU D 146 -25.39 -21.56 2.10
N GLU D 147 -26.67 -21.82 1.85
CA GLU D 147 -27.69 -21.79 2.93
C GLU D 147 -27.39 -22.96 3.88
N GLY D 148 -27.27 -22.64 5.18
CA GLY D 148 -27.25 -23.61 6.30
C GLY D 148 -28.35 -23.33 7.32
N PRO D 149 -28.57 -24.22 8.30
CA PRO D 149 -29.60 -24.03 9.32
C PRO D 149 -29.18 -23.11 10.49
N GLU D 150 -27.88 -22.92 10.73
CA GLU D 150 -27.36 -22.02 11.79
C GLU D 150 -27.15 -20.59 11.25
N GLU D 151 -27.12 -19.62 12.16
CA GLU D 151 -26.60 -18.25 11.94
C GLU D 151 -25.07 -18.30 12.02
N ASN D 152 -24.36 -17.87 10.98
CA ASN D 152 -22.88 -17.72 11.02
C ASN D 152 -22.59 -16.44 11.79
N SER D 153 -21.94 -16.56 12.94
CA SER D 153 -21.72 -15.43 13.88
C SER D 153 -20.59 -14.54 13.33
N ALA D 154 -19.58 -15.14 12.68
CA ALA D 154 -18.51 -14.39 11.99
C ALA D 154 -19.15 -13.42 10.99
N TYR D 155 -20.04 -13.91 10.14
CA TYR D 155 -20.68 -13.09 9.07
C TYR D 155 -21.62 -12.07 9.70
N GLU D 156 -22.21 -12.35 10.86
CA GLU D 156 -23.25 -11.48 11.49
C GLU D 156 -22.62 -10.11 11.82
N GLN D 157 -21.38 -10.11 12.29
CA GLN D 157 -20.60 -8.88 12.59
C GLN D 157 -20.62 -7.94 11.38
N LEU D 158 -20.56 -8.45 10.15
CA LEU D 158 -20.56 -7.57 8.95
C LEU D 158 -22.00 -7.36 8.50
N LEU D 159 -22.81 -8.43 8.48
CA LEU D 159 -24.17 -8.37 7.90
C LEU D 159 -25.02 -7.38 8.72
N SER D 160 -24.85 -7.34 10.05
CA SER D 160 -25.59 -6.41 10.95
C SER D 160 -25.27 -4.94 10.65
N ARG D 161 -24.21 -4.66 9.89
CA ARG D 161 -23.81 -3.24 9.62
C ARG D 161 -24.23 -2.79 8.23
N LEU D 162 -24.78 -3.69 7.38
CA LEU D 162 -25.09 -3.33 5.97
C LEU D 162 -26.15 -2.23 5.94
N GLU D 163 -27.09 -2.20 6.90
CA GLU D 163 -28.21 -1.22 6.88
C GLU D 163 -27.64 0.20 6.93
N GLU D 164 -26.52 0.43 7.66
CA GLU D 164 -25.82 1.74 7.76
C GLU D 164 -25.23 2.14 6.40
N ILE D 165 -24.90 1.20 5.52
CA ILE D 165 -24.25 1.60 4.24
C ILE D 165 -25.17 1.29 3.06
N ALA D 166 -26.49 1.38 3.27
CA ALA D 166 -27.48 1.02 2.23
C ALA D 166 -27.26 1.90 1.02
N GLU D 167 -26.95 3.18 1.24
CA GLU D 167 -26.77 4.13 0.11
C GLU D 167 -25.49 3.76 -0.65
N GLU D 168 -25.55 3.84 -1.98
CA GLU D 168 -24.37 3.70 -2.86
C GLU D 168 -23.28 4.72 -2.45
N GLY D 169 -22.03 4.27 -2.31
CA GLY D 169 -20.90 5.17 -2.01
C GLY D 169 -20.83 5.54 -0.53
N SER D 170 -21.56 4.85 0.33
CA SER D 170 -21.58 5.07 1.78
C SER D 170 -20.59 4.10 2.45
N GLU D 171 -20.08 4.49 3.62
CA GLU D 171 -19.09 3.69 4.36
C GLU D 171 -19.35 3.88 5.85
N THR D 172 -18.89 2.93 6.64
CA THR D 172 -18.96 2.92 8.11
C THR D 172 -17.67 2.23 8.61
N GLN D 173 -17.35 2.44 9.86
CA GLN D 173 -16.18 1.81 10.52
C GLN D 173 -16.73 0.66 11.34
N VAL D 174 -16.10 -0.52 11.29
CA VAL D 174 -16.55 -1.72 12.03
C VAL D 174 -15.37 -2.25 12.84
N PRO D 175 -15.64 -2.90 13.99
CA PRO D 175 -14.58 -3.53 14.77
C PRO D 175 -13.85 -4.61 13.99
N GLY D 176 -12.53 -4.72 14.20
CA GLY D 176 -11.73 -5.87 13.75
C GLY D 176 -12.36 -7.16 14.22
N LEU D 177 -12.12 -8.26 13.50
CA LEU D 177 -12.67 -9.61 13.81
C LEU D 177 -11.72 -10.65 13.22
N ASP D 178 -11.98 -11.91 13.51
CA ASP D 178 -11.24 -13.05 12.92
C ASP D 178 -11.64 -13.13 11.44
N ILE D 179 -10.80 -12.59 10.56
CA ILE D 179 -11.08 -12.60 9.09
C ILE D 179 -11.07 -14.06 8.60
N SER D 180 -10.21 -14.90 9.17
CA SER D 180 -10.10 -16.31 8.75
C SER D 180 -11.40 -17.06 9.10
N ALA D 181 -12.27 -16.51 9.96
CA ALA D 181 -13.53 -17.17 10.36
C ALA D 181 -14.58 -16.88 9.30
N LEU D 182 -14.26 -16.05 8.31
CA LEU D 182 -15.18 -15.78 7.17
C LEU D 182 -14.92 -16.81 6.05
N LEU D 183 -13.91 -17.66 6.25
CA LEU D 183 -13.44 -18.65 5.25
C LEU D 183 -13.66 -20.06 5.81
N PRO D 184 -13.66 -21.09 4.94
CA PRO D 184 -13.82 -22.47 5.42
C PRO D 184 -12.68 -22.85 6.37
N SER D 185 -12.89 -23.86 7.22
CA SER D 185 -11.87 -24.40 8.16
C SER D 185 -10.83 -25.27 7.41
N ASP D 186 -11.19 -25.86 6.27
CA ASP D 186 -10.28 -26.76 5.50
C ASP D 186 -9.44 -25.92 4.52
N PHE D 187 -8.14 -25.76 4.81
CA PHE D 187 -7.18 -24.95 4.00
C PHE D 187 -6.37 -25.86 3.07
N SER D 188 -6.71 -27.14 2.98
CA SER D 188 -5.85 -28.15 2.31
C SER D 188 -6.48 -28.61 0.99
N ARG D 189 -7.79 -28.43 0.86
CA ARG D 189 -8.60 -28.88 -0.30
C ARG D 189 -9.06 -27.65 -1.08
N TYR D 190 -8.52 -27.48 -2.28
CA TYR D 190 -8.84 -26.30 -3.11
C TYR D 190 -8.49 -26.55 -4.55
N PHE D 191 -9.12 -25.74 -5.41
CA PHE D 191 -8.81 -25.57 -6.84
C PHE D 191 -7.91 -24.33 -6.98
N GLN D 192 -7.01 -24.33 -7.98
CA GLN D 192 -6.14 -23.17 -8.24
C GLN D 192 -5.98 -23.02 -9.76
N TYR D 193 -6.15 -21.81 -10.28
CA TYR D 193 -5.88 -21.52 -11.71
C TYR D 193 -5.42 -20.07 -11.83
N GLU D 194 -4.91 -19.73 -12.99
CA GLU D 194 -4.46 -18.37 -13.32
C GLU D 194 -5.54 -17.70 -14.16
N GLY D 195 -5.95 -16.51 -13.75
CA GLY D 195 -7.05 -15.79 -14.38
C GLY D 195 -6.82 -14.30 -14.27
N SER D 196 -7.88 -13.58 -13.96
CA SER D 196 -7.97 -12.11 -14.11
C SER D 196 -8.73 -11.51 -12.93
N LEU D 197 -8.63 -10.20 -12.77
CA LEU D 197 -9.60 -9.41 -11.99
C LEU D 197 -10.92 -9.45 -12.75
N THR D 198 -12.04 -9.44 -12.05
CA THR D 198 -13.37 -9.66 -12.67
C THR D 198 -14.10 -8.33 -12.85
N THR D 199 -13.41 -7.20 -12.65
CA THR D 199 -13.94 -5.86 -12.93
C THR D 199 -12.80 -5.11 -13.61
N PRO D 200 -13.08 -4.07 -14.42
CA PRO D 200 -12.01 -3.28 -15.00
C PRO D 200 -10.99 -2.92 -13.92
N PRO D 201 -9.67 -2.94 -14.21
CA PRO D 201 -9.16 -3.23 -15.55
C PRO D 201 -9.06 -4.72 -16.00
N CYS D 202 -9.54 -5.70 -15.23
CA CYS D 202 -9.58 -7.13 -15.63
C CYS D 202 -8.17 -7.62 -16.02
N ALA D 203 -7.16 -7.16 -15.33
CA ALA D 203 -5.78 -7.57 -15.59
C ALA D 203 -5.62 -9.08 -15.30
N GLN D 204 -4.84 -9.72 -16.15
CA GLN D 204 -4.47 -11.17 -16.06
C GLN D 204 -3.29 -11.33 -15.11
N GLY D 205 -2.85 -12.57 -14.86
CA GLY D 205 -1.75 -12.92 -13.96
C GLY D 205 -2.22 -13.12 -12.52
N VAL D 206 -3.52 -13.20 -12.28
CA VAL D 206 -4.08 -13.33 -10.90
C VAL D 206 -4.15 -14.82 -10.57
N ILE D 207 -3.57 -15.25 -9.46
CA ILE D 207 -3.75 -16.65 -8.99
C ILE D 207 -5.04 -16.73 -8.17
N TRP D 208 -6.01 -17.49 -8.69
CA TRP D 208 -7.28 -17.81 -8.01
C TRP D 208 -7.17 -19.15 -7.29
N THR D 209 -7.49 -19.14 -6.00
CA THR D 209 -7.57 -20.33 -5.15
C THR D 209 -9.02 -20.42 -4.66
N VAL D 210 -9.73 -21.49 -5.02
CA VAL D 210 -11.18 -21.65 -4.76
C VAL D 210 -11.33 -22.86 -3.86
N PHE D 211 -11.78 -22.61 -2.63
CA PHE D 211 -11.94 -23.66 -1.59
C PHE D 211 -12.98 -24.69 -2.08
N GLN D 212 -12.72 -25.96 -1.78
CA GLN D 212 -13.76 -27.01 -1.96
C GLN D 212 -14.82 -26.89 -0.86
N GLN D 213 -14.43 -26.83 0.41
CA GLN D 213 -15.39 -26.65 1.53
C GLN D 213 -16.05 -25.28 1.37
N THR D 214 -17.38 -25.22 1.51
CA THR D 214 -18.21 -24.00 1.51
C THR D 214 -18.39 -23.48 2.94
N VAL D 215 -18.93 -22.26 3.03
CA VAL D 215 -19.29 -21.60 4.32
C VAL D 215 -20.81 -21.52 4.36
N MET D 216 -21.42 -21.78 5.52
CA MET D 216 -22.89 -21.80 5.75
C MET D 216 -23.35 -20.46 6.35
N LEU D 217 -24.26 -19.77 5.68
CA LEU D 217 -25.03 -18.65 6.26
C LEU D 217 -26.49 -19.12 6.35
N SER D 218 -27.30 -18.47 7.20
CA SER D 218 -28.76 -18.73 7.40
C SER D 218 -29.47 -18.07 6.23
N ALA D 219 -30.71 -18.47 5.95
CA ALA D 219 -31.50 -17.91 4.84
C ALA D 219 -31.69 -16.40 5.09
N LYS D 220 -31.87 -16.00 6.35
CA LYS D 220 -32.06 -14.55 6.68
C LYS D 220 -30.74 -13.80 6.40
N GLN D 221 -29.58 -14.35 6.82
CA GLN D 221 -28.21 -13.79 6.53
C GLN D 221 -28.12 -13.57 5.01
N LEU D 222 -28.41 -14.58 4.19
CA LEU D 222 -28.35 -14.46 2.71
C LEU D 222 -29.34 -13.41 2.22
N HIS D 223 -30.51 -13.31 2.86
CA HIS D 223 -31.54 -12.29 2.51
C HIS D 223 -30.99 -10.91 2.92
N THR D 224 -30.41 -10.80 4.12
CA THR D 224 -29.80 -9.50 4.55
C THR D 224 -28.76 -9.10 3.49
N LEU D 225 -27.88 -10.01 3.07
CA LEU D 225 -26.81 -9.68 2.10
C LEU D 225 -27.41 -9.18 0.77
N SER D 226 -28.43 -9.87 0.25
CA SER D 226 -28.94 -9.62 -1.12
C SER D 226 -29.94 -8.46 -1.13
N ASP D 227 -30.50 -8.09 0.02
CA ASP D 227 -31.73 -7.25 0.05
C ASP D 227 -31.46 -5.84 0.62
N THR D 228 -30.28 -5.53 1.17
CA THR D 228 -30.07 -4.31 2.01
C THR D 228 -29.44 -3.18 1.18
N LEU D 229 -28.47 -3.48 0.31
CA LEU D 229 -27.64 -2.44 -0.36
C LEU D 229 -28.28 -2.00 -1.67
N TRP D 230 -28.02 -0.74 -2.05
CA TRP D 230 -28.50 -0.05 -3.28
C TRP D 230 -27.29 0.36 -4.11
N GLY D 231 -27.47 0.47 -5.43
CA GLY D 231 -26.41 0.62 -6.43
C GLY D 231 -26.69 1.79 -7.34
N PRO D 232 -25.99 1.85 -8.47
CA PRO D 232 -26.15 2.97 -9.36
C PRO D 232 -27.64 3.15 -9.69
N GLY D 233 -28.11 4.40 -9.74
CA GLY D 233 -29.51 4.72 -10.05
C GLY D 233 -30.42 4.39 -8.88
N ASP D 234 -31.71 4.20 -9.12
CA ASP D 234 -32.57 3.86 -7.97
C ASP D 234 -32.72 2.33 -7.88
N SER D 235 -31.66 1.54 -8.14
CA SER D 235 -31.68 0.05 -8.25
C SER D 235 -31.08 -0.64 -7.01
N ARG D 236 -31.63 -1.78 -6.60
CA ARG D 236 -31.00 -2.69 -5.58
C ARG D 236 -29.63 -3.19 -6.06
N LEU D 237 -28.69 -3.38 -5.13
CA LEU D 237 -27.35 -3.95 -5.43
C LEU D 237 -27.50 -5.47 -5.30
N GLN D 238 -27.62 -6.14 -6.45
CA GLN D 238 -28.06 -7.55 -6.62
C GLN D 238 -27.41 -8.15 -7.85
N LEU D 239 -27.18 -9.47 -7.88
CA LEU D 239 -26.67 -10.17 -9.10
C LEU D 239 -25.38 -9.49 -9.56
N ASN D 240 -24.50 -9.15 -8.61
CA ASN D 240 -23.24 -8.39 -8.83
C ASN D 240 -22.12 -9.41 -9.10
N PHE D 241 -22.33 -10.25 -10.12
CA PHE D 241 -21.38 -11.29 -10.58
C PHE D 241 -21.16 -11.13 -12.08
N ARG D 242 -19.92 -11.38 -12.50
CA ARG D 242 -19.54 -11.37 -13.93
C ARG D 242 -19.93 -12.73 -14.54
N ALA D 243 -20.29 -12.73 -15.82
CA ALA D 243 -20.54 -13.98 -16.59
C ALA D 243 -19.29 -14.86 -16.54
N THR D 244 -19.52 -16.15 -16.41
CA THR D 244 -18.51 -17.22 -16.42
C THR D 244 -17.70 -17.04 -17.70
N GLN D 245 -16.37 -17.18 -17.66
CA GLN D 245 -15.46 -17.00 -18.82
C GLN D 245 -14.83 -18.33 -19.20
N PRO D 246 -14.58 -18.55 -20.51
CA PRO D 246 -14.03 -19.84 -20.95
C PRO D 246 -12.60 -20.01 -20.45
N LEU D 247 -12.27 -21.25 -20.10
CA LEU D 247 -10.93 -21.67 -19.67
C LEU D 247 -9.89 -21.42 -20.78
N ASN D 248 -10.32 -21.62 -22.03
CA ASN D 248 -9.51 -21.35 -23.23
C ASN D 248 -8.18 -22.12 -23.16
N GLY D 249 -8.25 -23.36 -22.68
CA GLY D 249 -7.10 -24.29 -22.65
C GLY D 249 -6.36 -24.29 -21.33
N ARG D 250 -6.72 -23.40 -20.40
CA ARG D 250 -6.12 -23.44 -19.04
C ARG D 250 -6.57 -24.74 -18.36
N VAL D 251 -5.72 -25.37 -17.57
CA VAL D 251 -6.09 -26.51 -16.69
C VAL D 251 -6.20 -26.01 -15.26
N ILE D 252 -7.31 -26.30 -14.59
CA ILE D 252 -7.51 -26.02 -13.15
C ILE D 252 -6.80 -27.10 -12.38
N GLU D 253 -5.91 -26.75 -11.44
CA GLU D 253 -5.25 -27.75 -10.57
C GLU D 253 -6.12 -27.93 -9.33
N ALA D 254 -6.04 -29.11 -8.70
CA ALA D 254 -6.73 -29.44 -7.43
C ALA D 254 -5.67 -29.96 -6.46
N SER D 255 -5.72 -29.55 -5.19
CA SER D 255 -4.74 -29.95 -4.16
C SER D 255 -5.04 -31.36 -3.66
N PHE D 256 -6.11 -31.99 -4.13
CA PHE D 256 -6.60 -33.32 -3.68
C PHE D 256 -7.00 -34.20 -4.87
N PRO D 257 -6.83 -35.54 -4.75
CA PRO D 257 -7.27 -36.48 -5.78
C PRO D 257 -8.79 -36.62 -5.91
#